data_7AJ9
#
_entry.id   7AJ9
#
_cell.length_a   54.920
_cell.length_b   93.046
_cell.length_c   249.983
_cell.angle_alpha   90.000
_cell.angle_beta   90.000
_cell.angle_gamma   90.000
#
_symmetry.space_group_name_H-M   'P 21 21 21'
#
loop_
_entity.id
_entity.type
_entity.pdbx_description
1 polymer 'L,D-transpeptidase YcbB'
2 non-polymer 1,2-ETHANEDIOL
3 water water
#
_entity_poly.entity_id   1
_entity_poly.type   'polypeptide(L)'
_entity_poly.pdbx_seq_one_letter_code
;AA(MSE)VTQRFVELGWIDSTSPVNEQITNPALVEQIYHSNNDQLLWSDLATANHFEAQLEVIHRASFSPLFSRQLFALK
SYRQQDRWHEYDVLATDTLLQYLSYAEQAPKVGIAWFFEGQLDQPLAPPSEEAQLALH(MSE)AIGNQSLARL(MSE)DE
YTPQDPAYQQLLQAYQSLSSIEFNEVALYEQ(MSE)ERLKRPGDPLSHREALVQRLALVNLDTTSILNDVAYYDASLEKP
IKQFQK(MSE)HGLQTDGVIGPQT(MSE)KWLNTSVTERLALLALNAERIRLWPTQQDS(MSE)IVVNVPGFD(MSE)KY
WDAGREVFESKVVVGKTTRPTPV(MSE)NTKLDSLIINPTWNVPHKI(MSE)VEDILP(MSE)VKRDSEYLANHH(MSE)
EIIRGWSDPEVIDPALIDWEAVEPETFPYRLRQQAGVQNALGTYKFNTPNSRAIYLHDTPSKHLFNNASRAFSSGCIRVE
NAEKFAQTLLANQGITLDDFPVSTQAIALKKRIPVHIIYQTVWYEEGVLHYRDDIYHYDALALGNGDASPNLTKIENLYF
QGSSSHHHHHH
;
_entity_poly.pdbx_strand_id   A,B
#
loop_
_chem_comp.id
_chem_comp.type
_chem_comp.name
_chem_comp.formula
EDO non-polymer 1,2-ETHANEDIOL 'C2 H6 O2'
#
# COMPACT_ATOMS: atom_id res chain seq x y z
N GLN A 6 -30.09 48.55 -3.39
CA GLN A 6 -29.94 47.80 -2.11
C GLN A 6 -31.26 47.87 -1.29
N ARG A 7 -31.47 48.93 -0.50
CA ARG A 7 -32.65 49.09 0.43
C ARG A 7 -33.96 48.79 -0.32
N PHE A 8 -34.03 49.14 -1.61
CA PHE A 8 -35.18 48.87 -2.52
C PHE A 8 -34.64 48.23 -3.81
N VAL A 9 -35.08 47.02 -4.14
CA VAL A 9 -34.73 46.32 -5.41
C VAL A 9 -35.22 47.20 -6.56
N GLU A 10 -34.38 47.47 -7.57
CA GLU A 10 -34.68 48.42 -8.68
C GLU A 10 -35.42 47.66 -9.79
N LEU A 11 -36.73 47.44 -9.60
CA LEU A 11 -37.68 46.92 -10.62
C LEU A 11 -38.92 47.82 -10.65
N GLY A 12 -39.43 48.12 -11.85
CA GLY A 12 -40.63 48.95 -12.05
C GLY A 12 -41.85 48.36 -11.35
N TRP A 13 -41.99 47.03 -11.39
CA TRP A 13 -43.23 46.33 -10.93
C TRP A 13 -43.18 46.01 -9.42
N ILE A 14 -42.11 46.36 -8.71
CA ILE A 14 -42.07 46.19 -7.23
C ILE A 14 -42.13 47.58 -6.61
N ASP A 15 -43.23 47.89 -5.94
CA ASP A 15 -43.39 49.12 -5.13
C ASP A 15 -42.28 49.16 -4.07
N SER A 16 -41.79 50.37 -3.76
CA SER A 16 -40.83 50.65 -2.66
C SER A 16 -41.45 50.30 -1.29
N THR A 17 -42.79 50.36 -1.18
CA THR A 17 -43.54 50.05 0.06
C THR A 17 -43.51 48.54 0.34
N SER A 18 -43.28 47.71 -0.71
CA SER A 18 -43.46 46.23 -0.68
C SER A 18 -42.59 45.57 0.39
N PRO A 19 -43.12 44.58 1.14
CA PRO A 19 -42.38 43.94 2.22
C PRO A 19 -41.26 43.03 1.68
N VAL A 20 -41.30 42.68 0.39
CA VAL A 20 -40.25 41.84 -0.27
C VAL A 20 -38.89 42.57 -0.22
N ASN A 21 -38.88 43.90 -0.17
CA ASN A 21 -37.63 44.71 -0.08
C ASN A 21 -36.89 44.40 1.23
N GLU A 22 -37.59 44.02 2.29
CA GLU A 22 -36.97 43.68 3.60
C GLU A 22 -36.64 42.18 3.64
N GLN A 23 -37.20 41.38 2.72
CA GLN A 23 -37.09 39.89 2.70
C GLN A 23 -36.00 39.41 1.73
N ILE A 24 -35.58 40.27 0.79
CA ILE A 24 -34.55 39.92 -0.23
C ILE A 24 -33.17 40.06 0.41
N THR A 25 -32.33 39.03 0.29
CA THR A 25 -30.98 38.93 0.93
C THR A 25 -29.91 39.57 0.02
N ASN A 26 -30.05 39.47 -1.30
CA ASN A 26 -29.04 39.95 -2.29
C ASN A 26 -29.72 40.77 -3.38
N PRO A 27 -30.17 42.01 -3.08
CA PRO A 27 -30.85 42.84 -4.07
C PRO A 27 -30.02 43.08 -5.35
N ALA A 28 -28.71 43.28 -5.22
CA ALA A 28 -27.80 43.53 -6.37
C ALA A 28 -27.80 42.34 -7.33
N LEU A 29 -27.62 41.11 -6.85
CA LEU A 29 -27.54 39.91 -7.72
C LEU A 29 -28.91 39.63 -8.36
N VAL A 30 -30.00 39.78 -7.59
CA VAL A 30 -31.40 39.65 -8.07
C VAL A 30 -31.61 40.61 -9.25
N GLU A 31 -31.21 41.88 -9.11
CA GLU A 31 -31.30 42.90 -10.18
C GLU A 31 -30.55 42.41 -11.41
N GLN A 32 -29.32 41.91 -11.24
CA GLN A 32 -28.46 41.40 -12.35
C GLN A 32 -29.27 40.38 -13.18
N ILE A 33 -29.86 39.38 -12.51
CA ILE A 33 -30.60 38.26 -13.14
C ILE A 33 -31.81 38.85 -13.89
N TYR A 34 -32.56 39.74 -13.26
CA TYR A 34 -33.76 40.37 -13.88
C TYR A 34 -33.34 41.23 -15.07
N HIS A 35 -32.31 42.07 -14.90
CA HIS A 35 -31.88 43.03 -15.95
C HIS A 35 -31.44 42.24 -17.20
N SER A 36 -30.88 41.03 -17.04
CA SER A 36 -30.35 40.23 -18.16
C SER A 36 -31.47 39.42 -18.82
N ASN A 37 -32.71 39.58 -18.35
CA ASN A 37 -33.92 38.95 -18.92
C ASN A 37 -34.97 40.04 -19.14
N ASN A 38 -34.50 41.28 -19.33
CA ASN A 38 -35.37 42.41 -19.70
C ASN A 38 -36.51 42.47 -18.69
N ASP A 39 -36.18 42.28 -17.40
CA ASP A 39 -37.02 42.51 -16.19
C ASP A 39 -38.37 41.77 -16.28
N GLN A 40 -38.38 40.60 -16.89
CA GLN A 40 -39.61 39.78 -17.01
C GLN A 40 -39.70 38.82 -15.82
N LEU A 41 -40.89 38.26 -15.58
CA LEU A 41 -41.16 37.24 -14.53
C LEU A 41 -40.45 35.93 -14.91
N LEU A 42 -39.75 35.30 -13.97
CA LEU A 42 -39.00 34.04 -14.16
C LEU A 42 -39.84 32.85 -13.65
N TRP A 43 -40.91 33.11 -12.88
CA TRP A 43 -41.68 32.05 -12.17
C TRP A 43 -43.13 31.95 -12.67
N SER A 44 -43.38 32.35 -13.92
CA SER A 44 -44.73 32.42 -14.53
C SER A 44 -45.30 31.00 -14.70
N ASP A 45 -44.44 30.04 -15.03
CA ASP A 45 -44.77 28.59 -15.15
C ASP A 45 -45.01 28.01 -13.74
N LEU A 46 -46.25 27.63 -13.42
CA LEU A 46 -46.72 27.18 -12.09
C LEU A 46 -46.04 25.86 -11.66
N ALA A 47 -45.71 24.96 -12.60
CA ALA A 47 -45.04 23.66 -12.32
C ALA A 47 -43.70 23.91 -11.64
N THR A 48 -42.92 24.87 -12.16
CA THR A 48 -41.56 25.22 -11.69
C THR A 48 -41.63 25.79 -10.27
N ALA A 49 -42.59 26.70 -10.02
CA ALA A 49 -42.84 27.31 -8.69
C ALA A 49 -43.26 26.24 -7.67
N ASN A 50 -44.00 25.21 -8.10
CA ASN A 50 -44.46 24.11 -7.22
C ASN A 50 -43.26 23.24 -6.83
N HIS A 51 -42.44 22.84 -7.82
CA HIS A 51 -41.24 21.97 -7.62
C HIS A 51 -40.28 22.64 -6.60
N PHE A 52 -40.13 23.97 -6.66
CA PHE A 52 -39.23 24.75 -5.78
C PHE A 52 -39.83 24.82 -4.37
N GLU A 53 -41.14 25.02 -4.27
CA GLU A 53 -41.85 25.06 -2.96
C GLU A 53 -41.74 23.68 -2.30
N ALA A 54 -41.89 22.61 -3.07
CA ALA A 54 -41.79 21.20 -2.62
C ALA A 54 -40.41 20.98 -2.00
N GLN A 55 -39.35 21.38 -2.70
CA GLN A 55 -37.95 21.22 -2.24
C GLN A 55 -37.70 22.07 -1.00
N LEU A 56 -38.26 23.29 -0.94
CA LEU A 56 -38.18 24.17 0.26
C LEU A 56 -38.98 23.55 1.42
N GLU A 57 -40.10 22.87 1.13
CA GLU A 57 -40.90 22.15 2.15
C GLU A 57 -40.01 21.10 2.84
N VAL A 58 -39.25 20.31 2.06
CA VAL A 58 -38.26 19.33 2.61
C VAL A 58 -37.31 20.06 3.58
N ILE A 59 -36.73 21.20 3.18
CA ILE A 59 -35.82 21.99 4.07
C ILE A 59 -36.58 22.35 5.35
N HIS A 60 -37.82 22.83 5.20
CA HIS A 60 -38.66 23.30 6.34
C HIS A 60 -38.83 22.12 7.30
N ARG A 61 -39.31 20.98 6.80
CA ARG A 61 -39.63 19.80 7.63
C ARG A 61 -38.37 19.40 8.42
N ALA A 62 -37.20 19.49 7.79
CA ALA A 62 -35.91 19.09 8.40
C ALA A 62 -35.56 20.01 9.58
N SER A 63 -36.07 21.25 9.58
CA SER A 63 -36.10 22.16 10.76
C SER A 63 -34.70 22.65 11.15
N PHE A 64 -33.70 22.49 10.29
CA PHE A 64 -32.34 23.02 10.54
C PHE A 64 -32.21 24.49 10.07
N SER A 65 -33.16 25.04 9.28
CA SER A 65 -33.01 26.37 8.64
C SER A 65 -34.22 27.27 8.89
N PRO A 66 -34.17 28.12 9.94
CA PRO A 66 -35.14 29.20 10.07
C PRO A 66 -35.14 30.11 8.82
N LEU A 67 -33.99 30.30 8.17
CA LEU A 67 -33.88 31.13 6.94
C LEU A 67 -34.84 30.60 5.87
N PHE A 68 -34.68 29.35 5.46
CA PHE A 68 -35.49 28.75 4.37
C PHE A 68 -36.97 28.64 4.78
N SER A 69 -37.25 28.41 6.07
CA SER A 69 -38.64 28.39 6.63
C SER A 69 -39.29 29.79 6.49
N ARG A 70 -38.63 30.85 6.97
CA ARG A 70 -39.14 32.25 6.89
C ARG A 70 -39.40 32.61 5.42
N GLN A 71 -38.48 32.30 4.51
CA GLN A 71 -38.63 32.61 3.06
C GLN A 71 -39.82 31.81 2.52
N LEU A 72 -39.89 30.52 2.82
CA LEU A 72 -40.97 29.63 2.28
C LEU A 72 -42.34 30.19 2.68
N PHE A 73 -42.52 30.64 3.92
CA PHE A 73 -43.88 31.04 4.38
C PHE A 73 -44.21 32.40 3.77
N ALA A 74 -43.23 33.31 3.67
CA ALA A 74 -43.38 34.57 2.90
C ALA A 74 -43.83 34.25 1.47
N LEU A 75 -43.17 33.31 0.79
CA LEU A 75 -43.55 32.92 -0.59
C LEU A 75 -45.00 32.41 -0.60
N LYS A 76 -45.36 31.54 0.34
CA LYS A 76 -46.71 30.91 0.42
C LYS A 76 -47.75 32.01 0.64
N SER A 77 -47.47 32.92 1.57
CA SER A 77 -48.27 34.15 1.83
C SER A 77 -48.55 34.87 0.50
N TYR A 78 -47.49 35.22 -0.25
CA TYR A 78 -47.57 35.95 -1.55
C TYR A 78 -48.43 35.14 -2.54
N ARG A 79 -48.33 33.80 -2.51
CA ARG A 79 -49.10 32.96 -3.45
C ARG A 79 -50.59 32.97 -3.05
N GLN A 80 -50.88 32.98 -1.74
CA GLN A 80 -52.26 32.98 -1.19
C GLN A 80 -52.98 34.24 -1.69
N GLN A 81 -52.30 35.40 -1.64
CA GLN A 81 -52.85 36.74 -1.96
C GLN A 81 -52.72 37.08 -3.45
N ASP A 82 -52.31 36.13 -4.29
CA ASP A 82 -52.07 36.34 -5.75
C ASP A 82 -51.15 37.55 -6.00
N ARG A 83 -50.13 37.76 -5.17
CA ARG A 83 -49.11 38.82 -5.34
C ARG A 83 -47.89 38.21 -6.03
N TRP A 84 -48.06 37.91 -7.33
CA TRP A 84 -47.15 37.04 -8.14
C TRP A 84 -45.87 37.80 -8.47
N HIS A 85 -45.92 39.13 -8.55
CA HIS A 85 -44.73 39.98 -8.78
C HIS A 85 -43.79 39.77 -7.59
N GLU A 86 -44.31 39.92 -6.37
CA GLU A 86 -43.53 39.80 -5.11
C GLU A 86 -43.04 38.37 -4.93
N TYR A 87 -43.85 37.38 -5.32
CA TYR A 87 -43.50 35.95 -5.28
C TYR A 87 -42.25 35.71 -6.14
N ASP A 88 -42.25 36.29 -7.33
CA ASP A 88 -41.20 36.12 -8.37
C ASP A 88 -39.83 36.57 -7.81
N VAL A 89 -39.74 37.80 -7.32
CA VAL A 89 -38.47 38.40 -6.83
C VAL A 89 -37.96 37.54 -5.68
N LEU A 90 -38.78 37.28 -4.66
CA LEU A 90 -38.36 36.52 -3.46
C LEU A 90 -37.91 35.09 -3.82
N ALA A 91 -38.63 34.50 -4.79
CA ALA A 91 -38.33 33.16 -5.32
C ALA A 91 -36.92 33.19 -5.93
N THR A 92 -36.63 34.17 -6.77
CA THR A 92 -35.31 34.34 -7.41
C THR A 92 -34.24 34.46 -6.31
N ASP A 93 -34.44 35.38 -5.37
CA ASP A 93 -33.53 35.56 -4.21
C ASP A 93 -33.35 34.23 -3.45
N THR A 94 -34.45 33.50 -3.26
CA THR A 94 -34.45 32.25 -2.44
C THR A 94 -33.69 31.16 -3.21
N LEU A 95 -33.82 31.12 -4.53
CA LEU A 95 -33.09 30.15 -5.38
C LEU A 95 -31.57 30.41 -5.30
N LEU A 96 -31.15 31.66 -5.22
CA LEU A 96 -29.70 31.99 -5.03
C LEU A 96 -29.22 31.45 -3.68
N GLN A 97 -30.00 31.69 -2.60
CA GLN A 97 -29.69 31.12 -1.26
C GLN A 97 -29.61 29.60 -1.37
N TYR A 98 -30.54 28.99 -2.09
CA TYR A 98 -30.60 27.52 -2.28
C TYR A 98 -29.31 27.01 -2.95
N LEU A 99 -28.84 27.69 -4.00
CA LEU A 99 -27.60 27.31 -4.73
C LEU A 99 -26.38 27.44 -3.79
N SER A 100 -26.28 28.53 -3.04
CA SER A 100 -25.21 28.71 -2.01
C SER A 100 -25.24 27.52 -1.03
N TYR A 101 -26.42 27.21 -0.49
CA TYR A 101 -26.70 26.06 0.41
C TYR A 101 -26.14 24.77 -0.17
N ALA A 102 -26.53 24.44 -1.41
CA ALA A 102 -26.09 23.23 -2.11
C ALA A 102 -24.56 23.19 -2.20
N GLU A 103 -23.91 24.32 -2.48
CA GLU A 103 -22.43 24.40 -2.69
C GLU A 103 -21.69 24.36 -1.34
N GLN A 104 -22.23 25.01 -0.32
CA GLN A 104 -21.54 25.24 0.98
C GLN A 104 -21.75 24.08 1.96
N ALA A 105 -22.84 23.30 1.80
CA ALA A 105 -23.21 22.18 2.70
C ALA A 105 -22.03 21.22 2.90
N PRO A 106 -21.38 20.72 1.81
CA PRO A 106 -20.25 19.81 1.95
C PRO A 106 -18.97 20.45 2.53
N LYS A 107 -18.97 21.76 2.77
CA LYS A 107 -17.80 22.53 3.26
C LYS A 107 -18.01 22.91 4.73
N VAL A 108 -19.13 23.57 5.07
CA VAL A 108 -19.36 24.07 6.46
C VAL A 108 -20.72 23.58 7.00
N GLY A 109 -21.35 22.62 6.32
CA GLY A 109 -22.70 22.14 6.66
C GLY A 109 -22.83 21.72 8.12
N ILE A 110 -21.80 21.04 8.67
CA ILE A 110 -21.81 20.50 10.06
C ILE A 110 -22.47 21.54 10.99
N ALA A 111 -22.16 22.82 10.78
CA ALA A 111 -22.61 23.94 11.64
C ALA A 111 -24.13 24.04 11.65
N TRP A 112 -24.81 23.73 10.53
CA TRP A 112 -26.28 23.96 10.38
C TRP A 112 -27.08 22.83 11.03
N PHE A 113 -26.52 21.62 11.14
CA PHE A 113 -27.24 20.38 11.55
C PHE A 113 -26.82 19.90 12.94
N PHE A 114 -25.66 20.32 13.48
CA PHE A 114 -25.01 19.69 14.67
C PHE A 114 -24.35 20.68 15.63
N GLU A 115 -24.16 21.97 15.28
CA GLU A 115 -23.62 23.00 16.23
C GLU A 115 -24.65 24.11 16.46
N GLY A 116 -25.27 24.60 15.39
CA GLY A 116 -26.34 25.62 15.44
C GLY A 116 -27.38 25.36 14.37
N GLN A 117 -27.76 26.42 13.65
CA GLN A 117 -28.82 26.38 12.60
C GLN A 117 -28.44 27.32 11.44
N LEU A 118 -29.04 27.10 10.26
CA LEU A 118 -28.96 27.99 9.07
C LEU A 118 -30.00 29.11 9.26
N ASP A 119 -29.67 30.10 10.08
CA ASP A 119 -30.57 31.22 10.46
C ASP A 119 -30.27 32.44 9.59
N GLN A 120 -29.00 32.69 9.26
CA GLN A 120 -28.57 33.95 8.59
C GLN A 120 -28.31 33.71 7.11
N PRO A 121 -28.63 34.69 6.23
CA PRO A 121 -28.45 34.52 4.79
C PRO A 121 -27.03 34.03 4.46
N LEU A 122 -26.92 33.12 3.49
CA LEU A 122 -25.62 32.61 3.01
C LEU A 122 -24.97 33.62 2.05
N ALA A 123 -23.65 33.52 1.90
CA ALA A 123 -22.85 34.24 0.88
C ALA A 123 -23.38 33.84 -0.50
N PRO A 124 -23.34 34.76 -1.49
CA PRO A 124 -23.80 34.45 -2.84
C PRO A 124 -23.25 33.14 -3.39
N PRO A 125 -23.98 32.45 -4.27
CA PRO A 125 -23.43 31.25 -4.90
C PRO A 125 -22.25 31.62 -5.84
N SER A 126 -21.40 30.65 -6.14
CA SER A 126 -20.17 30.79 -6.96
C SER A 126 -20.50 31.32 -8.36
N GLU A 127 -19.48 31.79 -9.08
CA GLU A 127 -19.58 32.28 -10.48
C GLU A 127 -20.16 31.16 -11.36
N GLU A 128 -19.67 29.93 -11.18
CA GLU A 128 -20.08 28.75 -11.98
C GLU A 128 -21.59 28.53 -11.78
N ALA A 129 -22.08 28.71 -10.56
CA ALA A 129 -23.49 28.47 -10.18
C ALA A 129 -24.37 29.57 -10.79
N GLN A 130 -23.91 30.81 -10.75
CA GLN A 130 -24.64 31.97 -11.34
C GLN A 130 -24.78 31.78 -12.85
N LEU A 131 -23.69 31.35 -13.50
CA LEU A 131 -23.68 31.03 -14.96
C LEU A 131 -24.70 29.92 -15.25
N ALA A 132 -24.65 28.83 -14.48
CA ALA A 132 -25.62 27.71 -14.56
C ALA A 132 -27.05 28.27 -14.43
N LEU A 133 -27.28 29.23 -13.52
CA LEU A 133 -28.62 29.85 -13.31
C LEU A 133 -29.05 30.58 -14.59
N HIS A 134 -28.20 31.45 -15.14
CA HIS A 134 -28.50 32.25 -16.37
C HIS A 134 -28.89 31.32 -17.51
N MSE A 135 -28.15 30.24 -17.69
CA MSE A 135 -28.44 29.28 -18.80
C MSE A 135 -29.74 28.54 -18.55
O MSE A 135 -30.48 28.41 -19.51
CB MSE A 135 -27.25 28.34 -18.98
CG MSE A 135 -26.06 29.12 -19.47
SE MSE A 135 -24.58 27.83 -19.51
CE MSE A 135 -24.82 26.35 -18.15
N ALA A 136 -30.01 28.12 -17.33
CA ALA A 136 -31.28 27.42 -16.98
C ALA A 136 -32.47 28.31 -17.34
N ILE A 137 -32.37 29.61 -17.05
CA ILE A 137 -33.42 30.62 -17.41
C ILE A 137 -33.57 30.65 -18.92
N GLY A 138 -32.47 30.82 -19.64
CA GLY A 138 -32.40 30.80 -21.12
C GLY A 138 -33.15 29.61 -21.74
N ASN A 139 -33.06 28.43 -21.10
CA ASN A 139 -33.53 27.13 -21.66
C ASN A 139 -34.83 26.66 -21.00
N GLN A 140 -35.41 27.46 -20.10
CA GLN A 140 -36.63 27.12 -19.32
C GLN A 140 -36.44 25.75 -18.67
N SER A 141 -35.29 25.55 -18.03
CA SER A 141 -34.86 24.28 -17.38
C SER A 141 -34.47 24.54 -15.92
N LEU A 142 -35.27 25.36 -15.21
CA LEU A 142 -34.99 25.78 -13.81
C LEU A 142 -35.14 24.57 -12.88
N ALA A 143 -36.16 23.73 -13.11
CA ALA A 143 -36.41 22.52 -12.31
C ALA A 143 -35.17 21.63 -12.38
N ARG A 144 -34.63 21.39 -13.58
CA ARG A 144 -33.45 20.52 -13.80
C ARG A 144 -32.24 21.10 -13.07
N LEU A 145 -32.11 22.43 -13.04
CA LEU A 145 -30.99 23.11 -12.33
C LEU A 145 -31.02 22.73 -10.84
N MSE A 146 -32.22 22.79 -10.24
CA MSE A 146 -32.40 22.48 -8.83
C MSE A 146 -31.97 21.03 -8.56
O MSE A 146 -31.19 20.75 -7.65
CB MSE A 146 -33.86 22.70 -8.42
CG MSE A 146 -34.31 24.15 -8.49
SE MSE A 146 -36.27 24.39 -8.36
CE MSE A 146 -36.83 25.83 -9.59
N ASP A 147 -32.43 20.13 -9.43
CA ASP A 147 -32.18 18.71 -9.28
C ASP A 147 -30.68 18.43 -9.47
N GLU A 148 -29.99 19.20 -10.32
CA GLU A 148 -28.51 19.03 -10.56
C GLU A 148 -27.74 19.41 -9.29
N TYR A 149 -28.30 20.29 -8.46
CA TYR A 149 -27.64 20.81 -7.25
C TYR A 149 -28.18 20.04 -6.03
N THR A 150 -28.43 18.75 -6.24
CA THR A 150 -28.70 17.72 -5.20
C THR A 150 -27.54 16.72 -5.22
N PRO A 151 -27.27 16.02 -4.09
CA PRO A 151 -26.15 15.08 -3.99
C PRO A 151 -26.07 14.04 -5.10
N GLN A 152 -24.84 13.65 -5.44
CA GLN A 152 -24.46 12.58 -6.41
C GLN A 152 -25.09 11.24 -5.97
N ASP A 153 -24.95 10.94 -4.68
CA ASP A 153 -25.32 9.64 -4.03
C ASP A 153 -26.77 9.30 -4.38
N PRO A 154 -27.08 8.12 -4.97
CA PRO A 154 -28.48 7.76 -5.24
C PRO A 154 -29.30 7.55 -3.96
N ALA A 155 -28.65 7.48 -2.79
CA ALA A 155 -29.25 7.45 -1.45
C ALA A 155 -30.15 8.67 -1.23
N TYR A 156 -29.77 9.83 -1.77
CA TYR A 156 -30.57 11.08 -1.67
C TYR A 156 -31.90 10.83 -2.36
N GLN A 157 -31.86 10.38 -3.62
CA GLN A 157 -33.06 10.22 -4.49
C GLN A 157 -34.02 9.24 -3.83
N GLN A 158 -33.52 8.08 -3.38
CA GLN A 158 -34.33 7.00 -2.78
C GLN A 158 -35.03 7.51 -1.52
N LEU A 159 -34.34 8.33 -0.73
CA LEU A 159 -34.93 8.91 0.50
C LEU A 159 -36.06 9.88 0.11
N LEU A 160 -35.89 10.66 -0.96
CA LEU A 160 -36.88 11.67 -1.39
C LEU A 160 -38.09 11.00 -2.07
N GLN A 161 -37.90 9.89 -2.81
CA GLN A 161 -39.00 9.09 -3.41
C GLN A 161 -39.96 8.65 -2.29
N ALA A 162 -39.41 7.96 -1.28
CA ALA A 162 -40.15 7.47 -0.10
C ALA A 162 -40.86 8.63 0.60
N TYR A 163 -40.21 9.81 0.67
CA TYR A 163 -40.79 11.04 1.27
C TYR A 163 -42.06 11.39 0.51
N GLN A 164 -41.98 11.40 -0.82
CA GLN A 164 -43.08 11.75 -1.75
C GLN A 164 -44.24 10.80 -1.47
N SER A 165 -44.03 9.49 -1.68
CA SER A 165 -45.03 8.42 -1.41
C SER A 165 -45.67 8.65 -0.04
N LEU A 166 -44.87 8.78 1.03
CA LEU A 166 -45.39 8.92 2.41
C LEU A 166 -46.15 10.25 2.56
N SER A 167 -45.74 11.32 1.88
CA SER A 167 -46.38 12.65 1.99
C SER A 167 -47.86 12.55 1.60
N SER A 168 -48.17 11.77 0.57
CA SER A 168 -49.53 11.62 -0.01
C SER A 168 -50.48 11.03 1.06
N ILE A 169 -50.03 10.03 1.83
CA ILE A 169 -50.87 9.29 2.83
C ILE A 169 -50.60 9.84 4.25
N GLU A 170 -50.18 11.11 4.38
CA GLU A 170 -49.65 11.63 5.67
C GLU A 170 -50.73 11.58 6.76
N PHE A 171 -51.93 12.10 6.46
CA PHE A 171 -52.97 12.41 7.47
C PHE A 171 -54.13 11.39 7.43
N ASN A 172 -53.91 10.24 6.79
CA ASN A 172 -54.78 9.04 6.94
C ASN A 172 -54.70 8.53 8.39
N GLU A 173 -55.84 8.27 9.04
CA GLU A 173 -55.84 7.72 10.42
C GLU A 173 -55.46 6.23 10.38
N VAL A 174 -54.69 5.80 11.37
CA VAL A 174 -54.17 4.43 11.58
C VAL A 174 -54.13 4.23 13.10
N ALA A 175 -54.88 3.27 13.63
CA ALA A 175 -54.95 3.01 15.08
C ALA A 175 -53.52 2.81 15.61
N LEU A 176 -53.20 3.41 16.75
CA LEU A 176 -52.06 2.98 17.59
C LEU A 176 -52.18 1.47 17.82
N TYR A 177 -51.09 0.72 17.61
CA TYR A 177 -50.96 -0.66 18.09
C TYR A 177 -50.92 -0.61 19.62
N GLU A 178 -51.78 -1.39 20.26
CA GLU A 178 -51.81 -1.52 21.75
CA GLU A 178 -51.81 -1.52 21.75
C GLU A 178 -51.69 -3.00 22.12
N GLN A 179 -51.04 -3.27 23.25
CA GLN A 179 -50.98 -4.60 23.90
C GLN A 179 -51.04 -4.34 25.41
N MSE A 180 -51.44 -5.33 26.18
CA MSE A 180 -51.65 -5.15 27.64
C MSE A 180 -50.52 -5.80 28.43
O MSE A 180 -50.42 -5.51 29.63
CB MSE A 180 -53.03 -5.66 28.04
CG MSE A 180 -54.16 -4.84 27.41
SE MSE A 180 -55.88 -5.72 27.90
CE MSE A 180 -56.02 -5.29 29.92
N GLU A 181 -49.67 -6.62 27.79
CA GLU A 181 -48.74 -7.53 28.53
C GLU A 181 -47.27 -7.14 28.34
N ARG A 182 -46.94 -5.92 27.91
CA ARG A 182 -45.55 -5.40 27.90
C ARG A 182 -44.67 -6.16 26.89
N LEU A 183 -44.72 -7.49 26.91
CA LEU A 183 -44.11 -8.39 25.90
C LEU A 183 -45.18 -9.33 25.34
N LYS A 184 -45.30 -9.43 24.02
CA LYS A 184 -46.01 -10.51 23.29
C LYS A 184 -44.99 -11.32 22.52
N ARG A 185 -44.94 -12.62 22.74
CA ARG A 185 -44.05 -13.59 22.02
C ARG A 185 -44.86 -14.27 20.93
N PRO A 186 -44.22 -14.96 19.96
CA PRO A 186 -44.94 -15.81 19.01
C PRO A 186 -45.81 -16.85 19.72
N GLY A 187 -47.07 -16.97 19.31
CA GLY A 187 -48.08 -17.86 19.92
C GLY A 187 -49.05 -17.10 20.80
N ASP A 188 -48.66 -15.96 21.37
CA ASP A 188 -49.48 -15.18 22.34
C ASP A 188 -50.66 -14.54 21.59
N PRO A 189 -51.83 -14.34 22.24
CA PRO A 189 -52.93 -13.59 21.64
C PRO A 189 -52.62 -12.11 21.39
N LEU A 190 -53.21 -11.51 20.35
CA LEU A 190 -53.08 -10.08 20.02
C LEU A 190 -54.47 -9.42 19.96
N SER A 191 -54.67 -8.35 20.74
CA SER A 191 -55.90 -7.50 20.71
C SER A 191 -55.95 -6.69 19.41
N HIS A 192 -54.82 -6.08 19.00
CA HIS A 192 -54.78 -5.05 17.94
C HIS A 192 -53.91 -5.52 16.75
N ARG A 193 -54.18 -6.69 16.20
CA ARG A 193 -53.37 -7.24 15.07
C ARG A 193 -53.63 -6.43 13.79
N GLU A 194 -54.73 -5.67 13.72
CA GLU A 194 -55.08 -4.86 12.52
C GLU A 194 -54.03 -3.75 12.38
N ALA A 195 -53.83 -3.01 13.47
CA ALA A 195 -52.95 -1.81 13.56
C ALA A 195 -51.51 -2.25 13.31
N LEU A 196 -51.06 -3.27 14.03
CA LEU A 196 -49.75 -3.95 13.83
C LEU A 196 -49.43 -4.08 12.33
N VAL A 197 -50.30 -4.73 11.54
CA VAL A 197 -50.04 -5.05 10.11
C VAL A 197 -50.06 -3.77 9.27
N GLN A 198 -50.99 -2.84 9.53
CA GLN A 198 -51.02 -1.53 8.84
C GLN A 198 -49.65 -0.86 9.00
N ARG A 199 -49.13 -0.86 10.23
CA ARG A 199 -47.91 -0.12 10.64
C ARG A 199 -46.65 -0.82 10.10
N LEU A 200 -46.67 -2.15 9.95
CA LEU A 200 -45.63 -2.91 9.21
C LEU A 200 -45.65 -2.49 7.73
N ALA A 201 -46.84 -2.20 7.18
CA ALA A 201 -47.02 -1.85 5.75
C ALA A 201 -46.49 -0.43 5.50
N LEU A 202 -46.71 0.47 6.46
CA LEU A 202 -46.34 1.90 6.32
C LEU A 202 -44.84 2.04 6.07
N VAL A 203 -44.01 1.09 6.52
CA VAL A 203 -42.53 1.11 6.32
C VAL A 203 -42.13 0.16 5.18
N ASN A 204 -43.08 -0.21 4.33
CA ASN A 204 -42.84 -0.86 3.02
C ASN A 204 -42.23 -2.26 3.19
N LEU A 205 -42.58 -2.96 4.27
CA LEU A 205 -42.34 -4.42 4.43
C LEU A 205 -43.36 -5.19 3.60
N ASP A 206 -42.98 -6.36 3.07
CA ASP A 206 -43.89 -7.30 2.36
C ASP A 206 -44.95 -7.78 3.37
N THR A 207 -46.18 -7.29 3.23
CA THR A 207 -47.33 -7.56 4.13
C THR A 207 -48.25 -8.65 3.51
N THR A 208 -47.99 -8.99 2.23
CA THR A 208 -48.87 -9.82 1.36
C THR A 208 -49.15 -11.19 1.98
N SER A 209 -48.13 -11.83 2.59
CA SER A 209 -48.16 -13.24 3.07
C SER A 209 -48.63 -13.31 4.53
N ILE A 210 -48.95 -12.19 5.16
CA ILE A 210 -49.52 -12.18 6.55
C ILE A 210 -51.01 -12.55 6.45
N LEU A 211 -51.44 -13.55 7.21
CA LEU A 211 -52.85 -14.02 7.29
C LEU A 211 -53.76 -12.90 7.83
N ASN A 212 -54.96 -12.76 7.27
CA ASN A 212 -55.90 -11.65 7.56
C ASN A 212 -56.79 -11.98 8.77
N ASP A 213 -57.24 -13.23 8.92
CA ASP A 213 -58.39 -13.57 9.80
C ASP A 213 -57.92 -13.98 11.21
N VAL A 214 -56.61 -14.06 11.45
CA VAL A 214 -56.04 -14.57 12.74
C VAL A 214 -56.15 -13.44 13.79
N ALA A 215 -56.10 -13.79 15.08
CA ALA A 215 -56.17 -12.86 16.23
C ALA A 215 -55.11 -13.25 17.29
N TYR A 216 -53.97 -13.78 16.86
CA TYR A 216 -52.82 -14.08 17.75
C TYR A 216 -51.53 -13.92 16.94
N TYR A 217 -50.40 -13.94 17.65
CA TYR A 217 -49.06 -13.78 17.06
C TYR A 217 -48.69 -15.08 16.33
N ASP A 218 -49.16 -15.24 15.09
CA ASP A 218 -49.01 -16.49 14.29
C ASP A 218 -47.66 -16.50 13.57
N ALA A 219 -47.32 -17.64 12.96
CA ALA A 219 -46.11 -17.90 12.15
C ALA A 219 -45.88 -16.80 11.10
N SER A 220 -46.95 -16.29 10.47
CA SER A 220 -46.87 -15.38 9.30
C SER A 220 -46.37 -13.99 9.73
N LEU A 221 -46.36 -13.69 11.03
CA LEU A 221 -45.88 -12.41 11.61
C LEU A 221 -44.38 -12.50 11.99
N GLU A 222 -43.84 -13.72 12.21
CA GLU A 222 -42.50 -13.95 12.80
C GLU A 222 -41.40 -13.33 11.94
N LYS A 223 -41.46 -13.48 10.61
CA LYS A 223 -40.46 -12.89 9.68
C LYS A 223 -40.68 -11.38 9.62
N PRO A 224 -41.90 -10.89 9.29
CA PRO A 224 -42.18 -9.45 9.29
C PRO A 224 -41.76 -8.66 10.54
N ILE A 225 -42.05 -9.16 11.74
CA ILE A 225 -41.69 -8.48 13.02
C ILE A 225 -40.16 -8.42 13.14
N LYS A 226 -39.46 -9.53 12.87
CA LYS A 226 -37.98 -9.60 12.95
C LYS A 226 -37.37 -8.62 11.93
N GLN A 227 -37.92 -8.54 10.72
CA GLN A 227 -37.45 -7.62 9.65
C GLN A 227 -37.66 -6.17 10.08
N PHE A 228 -38.82 -5.89 10.70
CA PHE A 228 -39.13 -4.56 11.27
C PHE A 228 -38.10 -4.25 12.36
N GLN A 229 -37.79 -5.22 13.20
CA GLN A 229 -36.80 -5.07 14.30
C GLN A 229 -35.42 -4.80 13.68
N LYS A 230 -35.04 -5.51 12.62
CA LYS A 230 -33.73 -5.31 11.93
C LYS A 230 -33.65 -3.91 11.35
N MSE A 231 -34.74 -3.51 10.67
CA MSE A 231 -34.85 -2.21 10.03
C MSE A 231 -34.57 -1.07 11.00
O MSE A 231 -34.10 -0.02 10.58
CB MSE A 231 -36.26 -2.09 9.44
CG MSE A 231 -36.71 -0.70 9.08
SE MSE A 231 -38.47 -0.80 8.17
CE MSE A 231 -38.24 -2.09 6.73
N HIS A 232 -34.89 -1.27 12.30
CA HIS A 232 -34.73 -0.23 13.30
C HIS A 232 -33.51 -0.46 14.21
N GLY A 233 -32.58 -1.35 13.81
CA GLY A 233 -31.40 -1.71 14.63
C GLY A 233 -31.77 -2.19 16.03
N LEU A 234 -32.88 -2.92 16.16
CA LEU A 234 -33.28 -3.62 17.42
C LEU A 234 -32.76 -5.06 17.37
N GLN A 235 -32.63 -5.71 18.53
CA GLN A 235 -32.35 -7.18 18.61
C GLN A 235 -33.52 -7.88 17.94
N THR A 236 -33.25 -8.73 16.95
CA THR A 236 -34.28 -9.46 16.15
C THR A 236 -34.70 -10.73 16.92
N ASP A 237 -35.30 -10.55 18.11
CA ASP A 237 -35.74 -11.63 19.03
C ASP A 237 -37.21 -11.98 18.78
N GLY A 238 -37.90 -11.24 17.91
CA GLY A 238 -39.30 -11.48 17.53
C GLY A 238 -40.28 -11.01 18.61
N VAL A 239 -39.79 -10.53 19.74
CA VAL A 239 -40.62 -10.11 20.90
C VAL A 239 -41.11 -8.68 20.65
N ILE A 240 -42.43 -8.47 20.62
CA ILE A 240 -43.00 -7.10 20.51
C ILE A 240 -42.92 -6.48 21.91
N GLY A 241 -41.86 -5.70 22.15
CA GLY A 241 -41.62 -5.04 23.44
C GLY A 241 -41.81 -3.54 23.33
N PRO A 242 -41.40 -2.77 24.37
CA PRO A 242 -41.52 -1.31 24.35
C PRO A 242 -40.72 -0.66 23.22
N GLN A 243 -39.57 -1.23 22.86
CA GLN A 243 -38.68 -0.71 21.79
C GLN A 243 -39.37 -0.86 20.45
N THR A 244 -39.93 -2.04 20.18
CA THR A 244 -40.66 -2.34 18.92
C THR A 244 -41.91 -1.47 18.83
N MSE A 245 -42.59 -1.32 19.97
CA MSE A 245 -43.86 -0.61 20.00
C MSE A 245 -43.63 0.88 19.75
O MSE A 245 -44.40 1.51 19.01
CB MSE A 245 -44.56 -0.83 21.34
CG MSE A 245 -45.26 -2.16 21.43
SE MSE A 245 -46.38 -2.20 23.05
CE MSE A 245 -47.51 -0.58 23.14
N LYS A 246 -42.59 1.44 20.37
CA LYS A 246 -42.26 2.84 20.20
C LYS A 246 -42.12 3.16 18.69
N TRP A 247 -41.41 2.31 17.93
CA TRP A 247 -41.17 2.51 16.49
C TRP A 247 -42.43 2.24 15.67
N LEU A 248 -43.26 1.29 16.12
CA LEU A 248 -44.53 0.95 15.44
C LEU A 248 -45.48 2.15 15.48
N ASN A 249 -45.53 2.84 16.63
CA ASN A 249 -46.55 3.90 16.91
C ASN A 249 -46.04 5.27 16.47
N THR A 250 -44.85 5.33 15.88
CA THR A 250 -44.30 6.52 15.17
C THR A 250 -45.29 6.99 14.10
N SER A 251 -45.68 8.26 14.13
CA SER A 251 -46.57 8.86 13.11
C SER A 251 -45.84 8.94 11.76
N VAL A 252 -46.60 9.12 10.69
CA VAL A 252 -46.04 9.37 9.34
C VAL A 252 -45.40 10.76 9.30
N THR A 253 -45.90 11.73 10.08
CA THR A 253 -45.32 13.11 10.07
C THR A 253 -43.94 13.03 10.75
N GLU A 254 -43.80 12.27 11.84
CA GLU A 254 -42.47 12.02 12.48
C GLU A 254 -41.53 11.35 11.47
N ARG A 255 -42.00 10.34 10.71
CA ARG A 255 -41.16 9.61 9.73
C ARG A 255 -40.72 10.59 8.62
N LEU A 256 -41.60 11.49 8.19
CA LEU A 256 -41.33 12.46 7.09
C LEU A 256 -40.26 13.45 7.56
N ALA A 257 -40.35 13.90 8.82
CA ALA A 257 -39.32 14.72 9.49
C ALA A 257 -37.95 14.03 9.38
N LEU A 258 -37.85 12.76 9.82
CA LEU A 258 -36.61 11.96 9.80
C LEU A 258 -36.10 11.83 8.36
N LEU A 259 -36.98 11.54 7.40
CA LEU A 259 -36.58 11.37 5.98
C LEU A 259 -36.00 12.70 5.44
N ALA A 260 -36.71 13.79 5.66
CA ALA A 260 -36.35 15.14 5.20
C ALA A 260 -34.96 15.47 5.75
N LEU A 261 -34.81 15.36 7.07
CA LEU A 261 -33.59 15.76 7.81
C LEU A 261 -32.42 14.93 7.31
N ASN A 262 -32.61 13.62 7.17
CA ASN A 262 -31.52 12.70 6.77
C ASN A 262 -31.20 12.90 5.29
N ALA A 263 -32.18 13.22 4.45
CA ALA A 263 -31.93 13.50 3.02
C ALA A 263 -30.95 14.68 2.93
N GLU A 264 -31.29 15.81 3.56
CA GLU A 264 -30.49 17.04 3.54
C GLU A 264 -29.12 16.81 4.20
N ARG A 265 -29.02 15.91 5.17
CA ARG A 265 -27.74 15.58 5.86
C ARG A 265 -26.75 14.97 4.87
N ILE A 266 -27.24 14.27 3.84
CA ILE A 266 -26.35 13.64 2.83
C ILE A 266 -25.53 14.72 2.11
N ARG A 267 -26.02 15.95 2.06
CA ARG A 267 -25.30 17.09 1.45
C ARG A 267 -23.99 17.33 2.22
N LEU A 268 -23.91 16.92 3.49
CA LEU A 268 -22.68 17.08 4.34
C LEU A 268 -21.63 16.02 4.01
N TRP A 269 -22.04 14.90 3.43
CA TRP A 269 -21.17 13.78 3.00
C TRP A 269 -21.70 13.23 1.69
N PRO A 270 -21.73 14.04 0.60
CA PRO A 270 -22.48 13.71 -0.61
C PRO A 270 -21.79 12.75 -1.60
N THR A 271 -20.46 12.72 -1.57
CA THR A 271 -19.58 11.93 -2.48
C THR A 271 -19.17 10.65 -1.75
N GLN A 272 -19.08 9.54 -2.48
CA GLN A 272 -18.32 8.34 -2.06
C GLN A 272 -16.96 8.38 -2.77
N GLN A 273 -15.87 8.61 -2.02
CA GLN A 273 -14.50 8.50 -2.55
C GLN A 273 -14.19 7.02 -2.75
N ASP A 274 -13.15 6.72 -3.55
CA ASP A 274 -12.75 5.33 -3.86
C ASP A 274 -12.01 4.72 -2.67
N SER A 275 -11.27 5.56 -1.93
CA SER A 275 -10.56 5.18 -0.68
C SER A 275 -11.19 5.97 0.46
N MSE A 276 -11.77 5.30 1.46
CA MSE A 276 -12.59 6.04 2.42
C MSE A 276 -12.90 5.21 3.67
O MSE A 276 -13.05 4.00 3.60
CB MSE A 276 -13.90 6.40 1.71
CG MSE A 276 -14.65 7.52 2.32
SE MSE A 276 -16.31 7.61 1.29
CE MSE A 276 -17.12 5.86 0.95
N ILE A 277 -13.08 5.90 4.80
CA ILE A 277 -13.58 5.27 6.01
C ILE A 277 -14.78 6.07 6.52
N VAL A 278 -15.90 5.40 6.77
CA VAL A 278 -17.13 6.06 7.30
C VAL A 278 -17.57 5.31 8.56
N VAL A 279 -17.82 6.07 9.63
CA VAL A 279 -18.42 5.61 10.91
C VAL A 279 -19.78 6.27 11.03
N ASN A 280 -20.87 5.50 11.00
CA ASN A 280 -22.21 6.05 11.27
C ASN A 280 -22.51 5.86 12.77
N VAL A 281 -22.46 6.95 13.52
CA VAL A 281 -22.63 6.95 15.00
C VAL A 281 -23.93 6.25 15.41
N PRO A 282 -25.13 6.70 14.96
CA PRO A 282 -26.38 6.10 15.42
C PRO A 282 -26.60 4.66 14.92
N GLY A 283 -25.88 4.21 13.89
CA GLY A 283 -25.89 2.81 13.43
C GLY A 283 -24.79 1.99 14.10
N PHE A 284 -23.92 2.63 14.87
CA PHE A 284 -22.79 2.01 15.62
C PHE A 284 -22.03 1.03 14.71
N ASP A 285 -21.76 1.43 13.47
CA ASP A 285 -20.95 0.57 12.55
C ASP A 285 -20.09 1.45 11.64
N MSE A 286 -19.16 0.79 10.97
CA MSE A 286 -18.24 1.47 10.08
C MSE A 286 -17.97 0.63 8.84
O MSE A 286 -18.15 -0.58 8.88
CB MSE A 286 -16.93 1.73 10.81
CG MSE A 286 -16.22 0.48 11.21
SE MSE A 286 -14.40 1.00 11.72
CE MSE A 286 -13.63 1.33 9.92
N LYS A 287 -17.52 1.29 7.78
CA LYS A 287 -17.07 0.59 6.59
C LYS A 287 -15.78 1.23 6.06
N TYR A 288 -14.94 0.45 5.41
CA TYR A 288 -13.71 0.92 4.72
C TYR A 288 -13.82 0.53 3.24
N TRP A 289 -13.81 1.54 2.37
CA TRP A 289 -13.69 1.40 0.90
C TRP A 289 -12.23 1.62 0.49
N ASP A 290 -11.69 0.66 -0.26
CA ASP A 290 -10.45 0.79 -1.07
C ASP A 290 -10.81 0.62 -2.55
N ALA A 291 -10.35 1.53 -3.40
CA ALA A 291 -10.39 1.39 -4.88
C ALA A 291 -11.86 1.23 -5.33
N GLY A 292 -12.79 1.99 -4.75
CA GLY A 292 -14.23 1.96 -5.07
C GLY A 292 -14.93 0.73 -4.52
N ARG A 293 -14.21 -0.16 -3.81
CA ARG A 293 -14.72 -1.49 -3.35
C ARG A 293 -14.77 -1.54 -1.82
N GLU A 294 -15.91 -1.95 -1.27
CA GLU A 294 -16.10 -2.18 0.19
C GLU A 294 -15.28 -3.40 0.59
N VAL A 295 -14.22 -3.21 1.38
CA VAL A 295 -13.21 -4.26 1.75
C VAL A 295 -13.29 -4.60 3.25
N PHE A 296 -14.10 -3.90 4.04
CA PHE A 296 -14.11 -4.08 5.52
C PHE A 296 -15.32 -3.44 6.18
N GLU A 297 -15.97 -4.20 7.06
CA GLU A 297 -17.15 -3.75 7.85
C GLU A 297 -17.00 -4.24 9.28
N SER A 298 -17.53 -3.50 10.24
CA SER A 298 -17.38 -3.75 11.69
C SER A 298 -18.41 -2.95 12.48
N LYS A 299 -18.99 -3.59 13.48
CA LYS A 299 -19.71 -2.90 14.57
C LYS A 299 -18.67 -2.05 15.28
N VAL A 300 -19.10 -0.92 15.85
CA VAL A 300 -18.24 -0.07 16.71
C VAL A 300 -18.98 0.24 18.01
N VAL A 301 -18.22 0.70 18.99
CA VAL A 301 -18.70 1.42 20.19
C VAL A 301 -18.33 2.88 19.95
N VAL A 302 -19.22 3.76 20.37
CA VAL A 302 -19.21 5.21 20.12
C VAL A 302 -19.22 5.88 21.50
N GLY A 303 -19.02 7.20 21.58
CA GLY A 303 -19.10 7.93 22.86
C GLY A 303 -20.49 7.81 23.49
N LYS A 304 -20.52 7.79 24.83
CA LYS A 304 -21.78 7.87 25.60
C LYS A 304 -22.41 9.25 25.37
N THR A 305 -23.69 9.38 25.72
CA THR A 305 -24.54 10.58 25.48
C THR A 305 -23.91 11.78 26.19
N THR A 306 -23.18 11.55 27.29
CA THR A 306 -22.50 12.61 28.09
C THR A 306 -21.11 12.93 27.52
N ARG A 307 -20.54 12.09 26.65
CA ARG A 307 -19.23 12.37 26.00
C ARG A 307 -19.28 11.93 24.55
N PRO A 308 -20.13 12.57 23.73
CA PRO A 308 -20.45 12.02 22.42
C PRO A 308 -19.30 12.12 21.41
N THR A 309 -19.14 11.11 20.55
CA THR A 309 -18.28 11.17 19.35
C THR A 309 -18.78 12.31 18.49
N PRO A 310 -17.98 13.37 18.25
CA PRO A 310 -18.40 14.47 17.40
C PRO A 310 -18.53 14.01 15.95
N VAL A 311 -19.46 14.60 15.21
CA VAL A 311 -19.53 14.50 13.72
C VAL A 311 -18.39 15.34 13.15
N MSE A 312 -17.55 14.74 12.30
CA MSE A 312 -16.37 15.42 11.79
C MSE A 312 -15.74 14.66 10.62
O MSE A 312 -15.99 13.48 10.42
CB MSE A 312 -15.35 15.54 12.90
CG MSE A 312 -15.00 14.22 13.55
SE MSE A 312 -13.54 14.44 14.85
CE MSE A 312 -12.56 16.11 14.47
N ASN A 313 -14.92 15.37 9.85
CA ASN A 313 -14.02 14.77 8.89
C ASN A 313 -12.59 14.83 9.46
N THR A 314 -11.87 13.72 9.40
CA THR A 314 -10.44 13.59 9.78
C THR A 314 -9.76 12.75 8.70
N LYS A 315 -8.47 12.44 8.89
CA LYS A 315 -7.73 11.47 8.05
C LYS A 315 -7.02 10.48 8.97
N LEU A 316 -6.95 9.23 8.55
CA LEU A 316 -6.07 8.20 9.14
C LEU A 316 -4.68 8.34 8.49
N ASP A 317 -3.65 8.65 9.27
CA ASP A 317 -2.25 8.80 8.76
C ASP A 317 -1.39 7.58 9.12
N SER A 318 -1.74 6.82 10.15
CA SER A 318 -0.85 5.79 10.74
C SER A 318 -1.59 4.94 11.78
N LEU A 319 -0.86 3.99 12.34
CA LEU A 319 -1.41 2.81 13.04
C LEU A 319 -0.36 2.35 14.06
N ILE A 320 -0.75 2.09 15.30
CA ILE A 320 0.18 1.61 16.36
C ILE A 320 -0.22 0.19 16.75
N ILE A 321 0.71 -0.76 16.68
CA ILE A 321 0.50 -2.14 17.18
C ILE A 321 1.07 -2.23 18.60
N ASN A 322 0.35 -2.88 19.51
CA ASN A 322 0.63 -2.95 20.97
C ASN A 322 0.82 -1.54 21.50
N PRO A 323 -0.17 -0.66 21.32
CA PRO A 323 -0.06 0.72 21.78
C PRO A 323 -0.08 0.78 23.32
N THR A 324 0.51 1.84 23.85
CA THR A 324 0.30 2.34 25.23
C THR A 324 -0.85 3.35 25.17
N TRP A 325 -1.38 3.76 26.33
CA TRP A 325 -2.47 4.75 26.42
C TRP A 325 -2.05 5.91 27.33
N ASN A 326 -1.71 7.05 26.74
CA ASN A 326 -1.52 8.31 27.48
C ASN A 326 -2.90 8.82 27.87
N VAL A 327 -3.25 8.70 29.14
CA VAL A 327 -4.63 8.98 29.63
C VAL A 327 -4.89 10.47 29.51
N PRO A 328 -5.89 10.90 28.73
CA PRO A 328 -6.24 12.31 28.66
C PRO A 328 -6.49 12.87 30.07
N HIS A 329 -6.15 14.15 30.26
CA HIS A 329 -6.28 14.90 31.53
C HIS A 329 -7.70 14.79 32.08
N LYS A 330 -8.71 15.04 31.24
CA LYS A 330 -10.13 15.11 31.67
C LYS A 330 -10.52 13.76 32.28
N ILE A 331 -10.01 12.65 31.75
CA ILE A 331 -10.40 11.27 32.16
C ILE A 331 -9.67 10.91 33.46
N MSE A 332 -8.42 11.37 33.61
CA MSE A 332 -7.68 11.18 34.85
C MSE A 332 -8.43 11.82 36.03
O MSE A 332 -8.56 11.17 37.08
CB MSE A 332 -6.29 11.80 34.71
CG MSE A 332 -5.37 11.51 35.87
SE MSE A 332 -3.77 12.63 35.76
CE MSE A 332 -4.39 14.50 35.81
N VAL A 333 -8.91 13.07 35.88
CA VAL A 333 -9.53 13.77 36.99
C VAL A 333 -10.92 13.17 37.28
N GLU A 334 -11.77 12.99 36.26
CA GLU A 334 -13.20 12.63 36.43
C GLU A 334 -13.37 11.13 36.73
N ASP A 335 -12.51 10.25 36.20
CA ASP A 335 -12.71 8.76 36.23
C ASP A 335 -11.64 8.06 37.06
N ILE A 336 -10.36 8.22 36.71
CA ILE A 336 -9.26 7.33 37.20
C ILE A 336 -8.90 7.73 38.63
N LEU A 337 -8.45 8.97 38.85
CA LEU A 337 -7.87 9.41 40.15
C LEU A 337 -8.84 9.12 41.30
N PRO A 338 -10.15 9.44 41.19
CA PRO A 338 -11.11 9.09 42.23
C PRO A 338 -11.02 7.62 42.65
N MSE A 339 -10.99 6.73 41.66
CA MSE A 339 -10.89 5.30 41.89
C MSE A 339 -9.53 4.93 42.48
O MSE A 339 -9.47 4.01 43.30
CB MSE A 339 -11.15 4.54 40.59
CG MSE A 339 -12.52 4.81 40.03
SE MSE A 339 -13.17 3.19 39.17
CE MSE A 339 -13.08 1.75 40.47
N VAL A 340 -8.45 5.64 42.10
CA VAL A 340 -7.11 5.39 42.62
C VAL A 340 -7.06 5.72 44.12
N LYS A 341 -7.78 6.76 44.56
CA LYS A 341 -7.90 7.12 46.00
C LYS A 341 -8.65 6.01 46.74
N ARG A 342 -9.58 5.32 46.06
CA ARG A 342 -10.48 4.30 46.66
C ARG A 342 -9.83 2.90 46.66
N ASP A 343 -8.92 2.62 45.71
CA ASP A 343 -8.26 1.29 45.55
C ASP A 343 -6.75 1.49 45.51
N SER A 344 -6.05 1.10 46.58
CA SER A 344 -4.58 1.17 46.71
C SER A 344 -3.92 0.51 45.50
N GLU A 345 -4.57 -0.52 44.92
CA GLU A 345 -3.96 -1.42 43.89
C GLU A 345 -4.66 -1.27 42.54
N TYR A 346 -5.35 -0.14 42.27
CA TYR A 346 -5.97 0.14 40.95
C TYR A 346 -4.89 0.19 39.86
N LEU A 347 -3.83 0.94 40.11
CA LEU A 347 -2.73 1.17 39.13
C LEU A 347 -2.05 -0.15 38.77
N ALA A 348 -1.77 -1.01 39.75
CA ALA A 348 -1.11 -2.32 39.52
C ALA A 348 -2.01 -3.21 38.66
N ASN A 349 -3.33 -3.16 38.87
CA ASN A 349 -4.32 -4.06 38.21
C ASN A 349 -4.52 -3.67 36.74
N HIS A 350 -4.38 -2.38 36.43
CA HIS A 350 -4.57 -1.79 35.09
C HIS A 350 -3.22 -1.43 34.47
N HIS A 351 -2.11 -1.84 35.09
CA HIS A 351 -0.71 -1.62 34.64
C HIS A 351 -0.49 -0.17 34.22
N MSE A 352 -0.97 0.76 35.05
CA MSE A 352 -0.81 2.19 34.80
C MSE A 352 0.30 2.74 35.68
O MSE A 352 0.47 2.31 36.81
CB MSE A 352 -2.11 2.92 35.09
CG MSE A 352 -3.18 2.63 34.10
SE MSE A 352 -4.62 3.91 34.37
CE MSE A 352 -6.19 3.43 33.28
N GLU A 353 1.06 3.69 35.15
CA GLU A 353 2.16 4.32 35.87
C GLU A 353 1.87 5.81 36.00
N ILE A 354 2.44 6.46 37.01
CA ILE A 354 2.39 7.94 37.17
C ILE A 354 3.65 8.50 36.51
N ILE A 355 3.49 9.55 35.73
CA ILE A 355 4.52 10.11 34.80
C ILE A 355 4.66 11.60 35.07
N ARG A 356 5.90 12.09 35.16
CA ARG A 356 6.23 13.54 35.22
C ARG A 356 7.39 13.82 34.25
N GLY A 357 7.04 13.92 32.98
CA GLY A 357 7.95 14.23 31.87
C GLY A 357 7.23 14.02 30.56
N TRP A 358 7.83 14.40 29.44
CA TRP A 358 7.32 14.04 28.09
C TRP A 358 8.48 13.49 27.24
N SER A 359 8.17 12.57 26.32
CA SER A 359 9.11 11.88 25.38
C SER A 359 10.04 10.89 26.10
N ASP A 360 10.75 11.31 27.16
CA ASP A 360 11.59 10.46 28.05
C ASP A 360 11.15 10.69 29.50
N PRO A 361 9.94 10.23 29.89
CA PRO A 361 9.34 10.62 31.16
C PRO A 361 9.83 9.91 32.43
N GLU A 362 9.57 10.51 33.59
CA GLU A 362 10.01 10.03 34.93
C GLU A 362 8.89 9.24 35.61
N VAL A 363 9.09 7.93 35.81
CA VAL A 363 8.13 6.99 36.46
C VAL A 363 8.07 7.29 37.97
N ILE A 364 6.95 7.86 38.46
CA ILE A 364 6.74 8.22 39.89
C ILE A 364 6.15 7.01 40.63
N ASP A 365 6.76 6.63 41.76
CA ASP A 365 6.23 5.60 42.68
C ASP A 365 4.99 6.15 43.36
N PRO A 366 3.86 5.40 43.33
CA PRO A 366 2.68 5.75 44.12
C PRO A 366 2.92 5.34 45.58
N ALA A 367 2.04 5.77 46.48
CA ALA A 367 2.12 5.56 47.94
C ALA A 367 3.16 6.51 48.57
N LEU A 368 4.04 7.12 47.75
CA LEU A 368 4.87 8.33 48.08
C LEU A 368 4.04 9.60 47.89
N ILE A 369 2.75 9.47 47.61
CA ILE A 369 1.76 10.57 47.48
C ILE A 369 0.69 10.30 48.55
N ASP A 370 0.20 11.34 49.22
CA ASP A 370 -0.93 11.24 50.19
C ASP A 370 -2.23 11.32 49.39
N TRP A 371 -2.80 10.17 49.04
CA TRP A 371 -3.95 10.02 48.10
C TRP A 371 -5.21 10.67 48.69
N GLU A 372 -5.37 10.64 50.01
CA GLU A 372 -6.55 11.27 50.68
C GLU A 372 -6.45 12.79 50.52
N ALA A 373 -5.23 13.36 50.48
CA ALA A 373 -4.97 14.82 50.39
C ALA A 373 -4.95 15.29 48.92
N VAL A 374 -4.81 14.39 47.95
CA VAL A 374 -4.81 14.72 46.49
C VAL A 374 -6.23 15.15 46.09
N GLU A 375 -6.35 16.31 45.45
CA GLU A 375 -7.59 16.80 44.80
C GLU A 375 -7.45 16.58 43.30
N PRO A 376 -8.36 15.78 42.69
CA PRO A 376 -8.18 15.34 41.29
C PRO A 376 -7.78 16.46 40.32
N GLU A 377 -8.39 17.65 40.45
CA GLU A 377 -8.24 18.75 39.47
C GLU A 377 -6.85 19.38 39.55
N THR A 378 -6.20 19.31 40.73
CA THR A 378 -4.88 19.96 41.01
C THR A 378 -3.73 18.96 40.81
N PHE A 379 -4.02 17.65 40.72
CA PHE A 379 -2.99 16.59 40.60
C PHE A 379 -2.06 16.93 39.43
N PRO A 380 -0.76 17.13 39.67
CA PRO A 380 0.12 17.70 38.65
C PRO A 380 0.69 16.71 37.62
N TYR A 381 0.65 15.40 37.87
CA TYR A 381 1.29 14.37 37.00
C TYR A 381 0.29 13.77 36.00
N ARG A 382 0.78 12.93 35.09
CA ARG A 382 -0.01 12.26 34.01
C ARG A 382 -0.08 10.75 34.28
N LEU A 383 -1.01 10.04 33.64
CA LEU A 383 -1.14 8.56 33.72
C LEU A 383 -0.83 7.94 32.35
N ARG A 384 -0.17 6.79 32.35
CA ARG A 384 0.23 6.06 31.13
C ARG A 384 -0.01 4.57 31.36
N GLN A 385 -0.80 3.92 30.50
CA GLN A 385 -1.09 2.47 30.60
C GLN A 385 -0.16 1.70 29.67
N GLN A 386 0.46 0.63 30.16
CA GLN A 386 1.48 -0.15 29.42
C GLN A 386 0.75 -0.97 28.35
N ALA A 387 1.40 -1.19 27.21
CA ALA A 387 0.93 -2.10 26.16
C ALA A 387 0.60 -3.42 26.82
N GLY A 388 -0.43 -4.09 26.28
CA GLY A 388 -0.87 -5.43 26.70
C GLY A 388 -2.26 -5.68 26.17
N VAL A 389 -2.70 -6.94 26.15
CA VAL A 389 -3.98 -7.36 25.53
C VAL A 389 -5.14 -6.68 26.28
N GLN A 390 -4.94 -6.30 27.55
CA GLN A 390 -6.00 -5.73 28.42
C GLN A 390 -5.88 -4.21 28.48
N ASN A 391 -4.97 -3.63 27.70
CA ASN A 391 -4.87 -2.15 27.50
C ASN A 391 -6.19 -1.64 26.93
N ALA A 392 -6.57 -0.41 27.28
CA ALA A 392 -7.85 0.21 26.87
C ALA A 392 -7.91 0.36 25.34
N LEU A 393 -6.76 0.51 24.68
CA LEU A 393 -6.66 0.61 23.21
C LEU A 393 -6.50 -0.78 22.59
N GLY A 394 -6.52 -1.83 23.39
CA GLY A 394 -6.27 -3.21 22.91
C GLY A 394 -4.94 -3.33 22.19
N THR A 395 -4.88 -4.06 21.08
CA THR A 395 -3.60 -4.33 20.38
C THR A 395 -3.39 -3.33 19.22
N TYR A 396 -4.35 -2.46 18.87
CA TYR A 396 -4.22 -1.50 17.74
C TYR A 396 -4.87 -0.15 18.04
N LYS A 397 -4.10 0.93 17.87
CA LYS A 397 -4.60 2.32 17.79
C LYS A 397 -4.51 2.79 16.33
N PHE A 398 -5.60 3.28 15.77
CA PHE A 398 -5.69 3.84 14.39
C PHE A 398 -5.62 5.35 14.51
N ASN A 399 -4.45 5.93 14.20
CA ASN A 399 -4.19 7.37 14.46
C ASN A 399 -4.93 8.22 13.43
N THR A 400 -5.86 9.06 13.91
CA THR A 400 -6.63 10.05 13.15
C THR A 400 -6.47 11.40 13.84
N PRO A 401 -5.28 12.03 13.80
CA PRO A 401 -5.00 13.22 14.59
C PRO A 401 -6.05 14.31 14.35
N ASN A 402 -6.50 14.98 15.40
CA ASN A 402 -7.41 16.16 15.31
C ASN A 402 -7.40 16.87 16.67
N SER A 403 -7.92 18.08 16.72
CA SER A 403 -7.94 18.96 17.92
C SER A 403 -8.77 18.33 19.06
N ARG A 404 -9.66 17.37 18.76
CA ARG A 404 -10.56 16.75 19.76
CA ARG A 404 -10.59 16.73 19.72
C ARG A 404 -9.99 15.43 20.29
N ALA A 405 -8.86 14.97 19.73
CA ALA A 405 -8.15 13.73 20.15
C ALA A 405 -9.09 12.52 20.03
N ILE A 406 -9.99 12.53 19.04
CA ILE A 406 -10.87 11.39 18.67
C ILE A 406 -10.11 10.48 17.69
N TYR A 407 -10.05 9.18 17.98
CA TYR A 407 -9.41 8.17 17.10
C TYR A 407 -10.13 6.83 17.24
N LEU A 408 -9.70 5.84 16.46
CA LEU A 408 -10.27 4.49 16.46
C LEU A 408 -9.24 3.59 17.14
N HIS A 409 -9.70 2.51 17.78
CA HIS A 409 -8.80 1.58 18.50
C HIS A 409 -9.51 0.26 18.76
N ASP A 410 -8.72 -0.78 18.96
CA ASP A 410 -9.15 -2.12 19.44
C ASP A 410 -9.65 -1.99 20.90
N THR A 411 -10.33 -3.03 21.38
CA THR A 411 -10.81 -3.06 22.78
C THR A 411 -10.75 -4.49 23.29
N PRO A 412 -10.34 -4.69 24.56
CA PRO A 412 -10.46 -5.99 25.20
C PRO A 412 -11.93 -6.33 25.56
N SER A 413 -12.77 -5.31 25.77
CA SER A 413 -14.19 -5.46 26.17
C SER A 413 -15.09 -5.75 24.96
N LYS A 414 -14.95 -6.93 24.38
CA LYS A 414 -15.65 -7.35 23.12
C LYS A 414 -17.13 -7.61 23.40
N HIS A 415 -17.50 -7.86 24.66
CA HIS A 415 -18.89 -8.20 25.06
C HIS A 415 -19.80 -6.99 24.78
N LEU A 416 -19.26 -5.78 24.76
CA LEU A 416 -20.04 -4.53 24.48
C LEU A 416 -20.63 -4.59 23.06
N PHE A 417 -20.07 -5.40 22.16
CA PHE A 417 -20.55 -5.47 20.75
C PHE A 417 -21.87 -6.25 20.66
N ASN A 418 -22.23 -6.98 21.70
CA ASN A 418 -23.47 -7.80 21.73
C ASN A 418 -24.70 -6.87 21.89
N ASN A 419 -24.54 -5.70 22.48
CA ASN A 419 -25.64 -4.72 22.68
C ASN A 419 -26.00 -4.07 21.34
N ALA A 420 -27.25 -3.65 21.18
CA ALA A 420 -27.79 -3.02 19.96
C ALA A 420 -27.49 -1.52 19.96
N SER A 421 -27.45 -0.89 21.14
CA SER A 421 -27.12 0.53 21.37
C SER A 421 -25.78 0.57 22.07
N ARG A 422 -24.77 1.25 21.48
CA ARG A 422 -23.34 1.05 21.83
C ARG A 422 -22.63 2.41 22.04
N ALA A 423 -23.32 3.33 22.70
CA ALA A 423 -22.81 4.63 23.15
C ALA A 423 -22.23 4.48 24.56
N PHE A 424 -20.99 3.97 24.67
CA PHE A 424 -20.29 3.61 25.94
C PHE A 424 -18.98 4.35 26.19
N SER A 425 -18.33 4.98 25.20
CA SER A 425 -16.90 5.38 25.33
C SER A 425 -16.84 6.83 25.79
N SER A 426 -15.64 7.37 25.98
CA SER A 426 -15.41 8.80 26.30
C SER A 426 -15.30 9.65 25.02
N GLY A 427 -15.56 9.07 23.84
CA GLY A 427 -15.57 9.79 22.54
C GLY A 427 -14.93 8.95 21.44
N CYS A 428 -13.90 8.17 21.77
CA CYS A 428 -13.13 7.40 20.77
C CYS A 428 -14.01 6.28 20.22
N ILE A 429 -13.64 5.75 19.05
CA ILE A 429 -14.43 4.71 18.34
C ILE A 429 -13.70 3.39 18.51
N ARG A 430 -14.35 2.45 19.22
CA ARG A 430 -13.83 1.09 19.44
C ARG A 430 -14.33 0.22 18.30
N VAL A 431 -13.41 -0.52 17.68
CA VAL A 431 -13.65 -1.32 16.45
C VAL A 431 -13.63 -2.78 16.85
N GLU A 432 -14.68 -3.53 16.51
CA GLU A 432 -14.79 -4.97 16.84
C GLU A 432 -13.67 -5.74 16.15
N ASN A 433 -13.57 -5.67 14.82
CA ASN A 433 -12.63 -6.51 14.04
C ASN A 433 -11.35 -5.70 13.79
N ALA A 434 -10.73 -5.22 14.87
CA ALA A 434 -9.53 -4.35 14.85
C ALA A 434 -8.40 -5.04 14.09
N GLU A 435 -8.20 -6.34 14.33
CA GLU A 435 -7.12 -7.13 13.72
C GLU A 435 -7.30 -7.14 12.20
N LYS A 436 -8.48 -7.57 11.72
CA LYS A 436 -8.79 -7.63 10.26
C LYS A 436 -8.62 -6.23 9.63
N PHE A 437 -9.08 -5.20 10.34
CA PHE A 437 -9.00 -3.79 9.87
C PHE A 437 -7.53 -3.40 9.65
N ALA A 438 -6.66 -3.77 10.60
CA ALA A 438 -5.22 -3.44 10.56
C ALA A 438 -4.57 -4.17 9.40
N GLN A 439 -4.92 -5.45 9.21
CA GLN A 439 -4.45 -6.33 8.10
C GLN A 439 -4.82 -5.68 6.75
N THR A 440 -6.06 -5.26 6.57
CA THR A 440 -6.61 -4.72 5.30
C THR A 440 -5.94 -3.39 4.98
N LEU A 441 -5.82 -2.52 5.97
CA LEU A 441 -5.16 -1.19 5.82
C LEU A 441 -3.76 -1.38 5.24
N LEU A 442 -2.97 -2.26 5.86
CA LEU A 442 -1.55 -2.46 5.50
C LEU A 442 -1.46 -3.13 4.12
N ALA A 443 -2.23 -4.20 3.88
CA ALA A 443 -2.29 -4.93 2.59
C ALA A 443 -2.49 -3.93 1.44
N ASN A 444 -3.48 -3.04 1.56
CA ASN A 444 -3.95 -2.16 0.47
C ASN A 444 -2.91 -1.07 0.19
N GLN A 445 -1.88 -0.95 1.03
CA GLN A 445 -0.75 -0.01 0.83
C GLN A 445 0.56 -0.81 0.69
N GLY A 446 0.48 -2.13 0.57
CA GLY A 446 1.63 -3.04 0.45
C GLY A 446 2.65 -2.86 1.57
N ILE A 447 2.18 -2.62 2.79
CA ILE A 447 3.00 -2.44 4.02
C ILE A 447 2.78 -3.63 4.96
N THR A 448 2.64 -4.85 4.46
CA THR A 448 2.41 -6.02 5.35
C THR A 448 3.68 -6.25 6.19
N LEU A 449 3.55 -6.68 7.44
CA LEU A 449 4.72 -6.92 8.34
C LEU A 449 5.34 -8.28 8.01
N ASP A 450 6.67 -8.35 8.00
CA ASP A 450 7.41 -9.64 7.88
C ASP A 450 7.01 -10.55 9.04
N ASP A 451 7.04 -10.02 10.27
CA ASP A 451 6.64 -10.76 11.50
C ASP A 451 5.80 -9.83 12.39
N PHE A 452 4.91 -10.40 13.22
CA PHE A 452 4.13 -9.67 14.24
C PHE A 452 5.10 -8.96 15.19
N PRO A 453 4.90 -7.65 15.47
CA PRO A 453 5.78 -6.89 16.36
C PRO A 453 5.89 -7.49 17.77
N VAL A 454 7.08 -7.37 18.35
CA VAL A 454 7.42 -7.86 19.70
C VAL A 454 6.63 -7.02 20.71
N SER A 455 6.71 -5.70 20.54
CA SER A 455 6.00 -4.71 21.40
C SER A 455 5.52 -3.56 20.53
N THR A 456 5.42 -2.35 21.10
CA THR A 456 4.88 -1.15 20.45
C THR A 456 5.62 -0.89 19.13
N GLN A 457 4.89 -0.89 18.00
CA GLN A 457 5.37 -0.48 16.66
C GLN A 457 4.34 0.48 16.03
N ALA A 458 4.75 1.72 15.76
CA ALA A 458 4.02 2.69 14.92
C ALA A 458 4.34 2.42 13.44
N ILE A 459 3.31 2.24 12.60
CA ILE A 459 3.42 2.10 11.11
C ILE A 459 2.77 3.31 10.46
N ALA A 460 3.55 4.15 9.78
CA ALA A 460 3.06 5.25 8.92
C ALA A 460 2.44 4.66 7.65
N LEU A 461 1.28 5.16 7.24
CA LEU A 461 0.65 4.82 5.93
C LEU A 461 1.38 5.60 4.83
N LYS A 462 1.43 5.05 3.62
CA LYS A 462 1.92 5.71 2.38
C LYS A 462 0.99 6.87 2.04
N LYS A 463 -0.30 6.57 1.86
CA LYS A 463 -1.38 7.59 1.61
C LYS A 463 -2.32 7.64 2.82
N ARG A 464 -2.57 8.85 3.31
CA ARG A 464 -3.65 9.16 4.27
C ARG A 464 -5.01 8.71 3.72
N ILE A 465 -5.89 8.23 4.60
CA ILE A 465 -7.26 7.79 4.24
C ILE A 465 -8.27 8.72 4.89
N PRO A 466 -9.17 9.36 4.12
CA PRO A 466 -10.17 10.25 4.71
C PRO A 466 -11.10 9.41 5.62
N VAL A 467 -11.40 9.95 6.80
CA VAL A 467 -12.32 9.34 7.80
C VAL A 467 -13.50 10.28 7.99
N HIS A 468 -14.71 9.82 7.63
CA HIS A 468 -15.98 10.56 7.85
C HIS A 468 -16.75 9.95 9.03
N ILE A 469 -16.96 10.74 10.06
CA ILE A 469 -17.81 10.37 11.22
C ILE A 469 -19.14 11.09 11.04
N ILE A 470 -20.16 10.31 10.68
CA ILE A 470 -21.51 10.64 10.12
C ILE A 470 -22.55 10.47 11.24
N TYR A 471 -23.66 11.18 11.18
CA TYR A 471 -24.83 10.96 12.04
C TYR A 471 -26.04 10.93 11.12
N GLN A 472 -26.41 9.72 10.72
CA GLN A 472 -27.48 9.44 9.73
C GLN A 472 -28.43 8.42 10.35
N THR A 473 -29.60 8.87 10.81
CA THR A 473 -30.62 8.07 11.53
C THR A 473 -31.61 7.46 10.53
N VAL A 474 -31.43 7.68 9.22
CA VAL A 474 -32.26 7.03 8.15
C VAL A 474 -31.40 6.89 6.90
N TRP A 475 -31.45 5.75 6.24
CA TRP A 475 -30.72 5.52 4.98
C TRP A 475 -31.42 4.43 4.17
N TYR A 476 -31.00 4.24 2.92
CA TYR A 476 -31.54 3.20 2.01
C TYR A 476 -30.50 2.08 1.91
N GLU A 477 -30.94 0.85 2.19
CA GLU A 477 -30.10 -0.37 2.13
C GLU A 477 -30.94 -1.48 1.51
N GLU A 478 -30.45 -2.07 0.43
CA GLU A 478 -31.02 -3.30 -0.18
C GLU A 478 -32.55 -3.15 -0.32
N GLY A 479 -33.01 -2.03 -0.89
CA GLY A 479 -34.42 -1.86 -1.32
C GLY A 479 -35.34 -1.34 -0.23
N VAL A 480 -34.86 -1.12 0.99
CA VAL A 480 -35.73 -0.56 2.08
C VAL A 480 -34.99 0.53 2.84
N LEU A 481 -35.76 1.37 3.52
CA LEU A 481 -35.26 2.40 4.46
C LEU A 481 -35.00 1.77 5.83
N HIS A 482 -33.81 2.01 6.37
CA HIS A 482 -33.42 1.67 7.77
C HIS A 482 -33.51 2.91 8.63
N TYR A 483 -33.80 2.73 9.92
CA TYR A 483 -33.97 3.80 10.91
C TYR A 483 -33.15 3.44 12.15
N ARG A 484 -32.71 4.43 12.91
CA ARG A 484 -31.94 4.23 14.15
C ARG A 484 -32.38 5.24 15.20
N ASP A 485 -32.35 4.85 16.47
CA ASP A 485 -32.68 5.75 17.60
C ASP A 485 -31.78 6.99 17.54
N ASP A 486 -32.35 8.13 17.90
CA ASP A 486 -31.69 9.45 17.95
C ASP A 486 -30.83 9.49 19.21
N ILE A 487 -29.74 8.72 19.22
CA ILE A 487 -28.90 8.49 20.43
C ILE A 487 -28.40 9.82 21.01
N TYR A 488 -28.06 10.81 20.19
CA TYR A 488 -27.48 12.09 20.67
C TYR A 488 -28.50 13.22 20.57
N HIS A 489 -29.75 12.93 20.21
CA HIS A 489 -30.86 13.92 20.27
C HIS A 489 -30.63 15.04 19.24
N TYR A 490 -29.95 14.75 18.12
CA TYR A 490 -29.68 15.74 17.04
C TYR A 490 -30.89 15.84 16.11
N ASP A 491 -31.68 14.79 15.93
CA ASP A 491 -32.89 14.88 15.08
C ASP A 491 -34.14 15.10 15.96
N ALA A 492 -33.98 15.65 17.17
CA ALA A 492 -35.08 15.87 18.15
C ALA A 492 -35.92 17.08 17.72
N LEU A 493 -35.28 18.10 17.15
CA LEU A 493 -35.95 19.38 16.79
C LEU A 493 -36.92 19.14 15.63
N ALA A 494 -36.61 18.21 14.74
CA ALA A 494 -37.41 17.89 13.54
C ALA A 494 -38.62 17.01 13.91
N LEU A 495 -38.56 16.35 15.07
CA LEU A 495 -39.67 15.50 15.59
C LEU A 495 -40.66 16.36 16.39
N GLY A 496 -40.23 17.53 16.88
CA GLY A 496 -41.00 18.41 17.79
C GLY A 496 -40.71 18.07 19.25
N ASN A 497 -39.42 18.03 19.63
CA ASN A 497 -38.94 17.63 20.98
C ASN A 497 -37.54 18.21 21.25
N ILE B 14 43.31 28.10 -14.36
CA ILE B 14 42.00 28.71 -14.79
C ILE B 14 42.05 29.10 -16.27
N ASP B 15 43.17 28.84 -16.96
CA ASP B 15 43.48 29.42 -18.30
C ASP B 15 42.49 28.88 -19.34
N SER B 16 42.07 29.74 -20.27
CA SER B 16 41.21 29.40 -21.43
C SER B 16 41.96 28.46 -22.38
N THR B 17 43.30 28.50 -22.38
CA THR B 17 44.18 27.64 -23.20
C THR B 17 44.13 26.18 -22.70
N SER B 18 43.75 25.97 -21.44
CA SER B 18 43.84 24.66 -20.73
C SER B 18 42.97 23.60 -21.41
N PRO B 19 43.47 22.34 -21.54
CA PRO B 19 42.70 21.26 -22.15
C PRO B 19 41.56 20.77 -21.23
N VAL B 20 41.59 21.17 -19.95
CA VAL B 20 40.54 20.85 -18.93
C VAL B 20 39.19 21.41 -19.41
N ASN B 21 39.18 22.48 -20.20
CA ASN B 21 37.93 23.10 -20.72
C ASN B 21 37.17 22.12 -21.61
N GLU B 22 37.88 21.20 -22.29
CA GLU B 22 37.27 20.15 -23.15
C GLU B 22 36.89 18.93 -22.31
N GLN B 23 37.48 18.76 -21.12
CA GLN B 23 37.41 17.52 -20.29
C GLN B 23 36.38 17.66 -19.16
N ILE B 24 35.99 18.89 -18.82
CA ILE B 24 34.94 19.16 -17.79
C ILE B 24 33.57 18.96 -18.45
N THR B 25 32.73 18.13 -17.84
CA THR B 25 31.41 17.69 -18.38
C THR B 25 30.32 18.68 -17.95
N ASN B 26 30.44 19.28 -16.76
CA ASN B 26 29.44 20.23 -16.21
C ASN B 26 30.13 21.50 -15.72
N PRO B 27 30.59 22.37 -16.66
CA PRO B 27 31.31 23.59 -16.30
C PRO B 27 30.51 24.48 -15.35
N ALA B 28 29.20 24.62 -15.60
CA ALA B 28 28.28 25.51 -14.84
C ALA B 28 28.26 25.08 -13.37
N LEU B 29 28.00 23.79 -13.09
CA LEU B 29 27.85 23.30 -11.70
C LEU B 29 29.19 23.37 -10.98
N VAL B 30 30.28 22.98 -11.65
CA VAL B 30 31.67 23.05 -11.11
C VAL B 30 31.96 24.49 -10.66
N GLU B 31 31.67 25.48 -11.53
CA GLU B 31 31.85 26.93 -11.23
C GLU B 31 31.05 27.28 -9.97
N GLN B 32 29.78 26.88 -9.91
CA GLN B 32 28.85 27.20 -8.80
C GLN B 32 29.40 26.66 -7.48
N ILE B 33 29.92 25.43 -7.46
CA ILE B 33 30.51 24.80 -6.23
C ILE B 33 31.74 25.62 -5.82
N TYR B 34 32.60 25.98 -6.78
CA TYR B 34 33.78 26.83 -6.55
C TYR B 34 33.33 28.24 -6.13
N HIS B 35 32.30 28.80 -6.77
CA HIS B 35 31.74 30.16 -6.48
C HIS B 35 30.77 30.14 -5.29
N SER B 36 30.82 29.11 -4.43
CA SER B 36 30.11 29.03 -3.13
C SER B 36 31.03 29.60 -2.04
N ASN B 37 31.92 30.52 -2.45
CA ASN B 37 32.93 31.28 -1.69
C ASN B 37 34.23 30.46 -1.61
N ASN B 38 34.17 29.17 -1.98
CA ASN B 38 35.33 28.25 -1.89
C ASN B 38 36.12 28.38 -3.20
N ASP B 39 36.58 29.58 -3.58
CA ASP B 39 37.61 29.67 -4.66
C ASP B 39 38.92 29.06 -4.12
N GLN B 40 38.86 28.41 -2.95
CA GLN B 40 39.96 27.62 -2.34
C GLN B 40 39.99 26.24 -3.00
N LEU B 41 41.14 25.55 -2.96
CA LEU B 41 41.32 24.21 -3.59
C LEU B 41 40.60 23.17 -2.73
N LEU B 42 39.92 22.22 -3.37
CA LEU B 42 39.20 21.12 -2.67
C LEU B 42 40.10 19.88 -2.55
N TRP B 43 41.16 19.78 -3.36
CA TRP B 43 41.99 18.55 -3.51
C TRP B 43 43.43 18.84 -3.10
N SER B 44 43.67 19.89 -2.30
CA SER B 44 45.01 20.28 -1.80
C SER B 44 45.57 19.17 -0.89
N ASP B 45 44.70 18.52 -0.11
CA ASP B 45 45.02 17.37 0.77
C ASP B 45 45.28 16.12 -0.10
N LEU B 46 46.52 15.64 -0.13
CA LEU B 46 47.03 14.56 -1.02
C LEU B 46 46.35 13.21 -0.70
N ALA B 47 46.01 12.94 0.56
CA ALA B 47 45.37 11.67 1.01
C ALA B 47 44.02 11.50 0.29
N THR B 48 43.24 12.58 0.21
CA THR B 48 41.87 12.58 -0.39
C THR B 48 41.97 12.35 -1.91
N ALA B 49 42.94 12.98 -2.59
CA ALA B 49 43.21 12.80 -4.03
C ALA B 49 43.66 11.36 -4.33
N ASN B 50 44.39 10.74 -3.41
CA ASN B 50 44.86 9.33 -3.55
C ASN B 50 43.66 8.38 -3.44
N HIS B 51 42.81 8.56 -2.43
CA HIS B 51 41.62 7.72 -2.17
C HIS B 51 40.65 7.75 -3.36
N PHE B 52 40.51 8.90 -4.03
CA PHE B 52 39.64 9.09 -5.22
C PHE B 52 40.26 8.41 -6.43
N GLU B 53 41.58 8.51 -6.59
CA GLU B 53 42.31 7.85 -7.70
C GLU B 53 42.18 6.34 -7.55
N ALA B 54 42.31 5.84 -6.31
CA ALA B 54 42.20 4.41 -5.95
C ALA B 54 40.83 3.89 -6.40
N GLN B 55 39.76 4.59 -6.02
CA GLN B 55 38.36 4.20 -6.35
C GLN B 55 38.15 4.27 -7.86
N LEU B 56 38.71 5.28 -8.54
CA LEU B 56 38.64 5.41 -10.01
C LEU B 56 39.44 4.28 -10.68
N GLU B 57 40.55 3.87 -10.07
CA GLU B 57 41.37 2.73 -10.56
C GLU B 57 40.50 1.47 -10.62
N VAL B 58 39.73 1.19 -9.56
CA VAL B 58 38.77 0.04 -9.50
C VAL B 58 37.85 0.12 -10.72
N ILE B 59 37.22 1.27 -10.97
CA ILE B 59 36.30 1.45 -12.12
C ILE B 59 37.07 1.14 -13.41
N HIS B 60 38.29 1.66 -13.55
CA HIS B 60 39.11 1.49 -14.76
C HIS B 60 39.35 -0.01 -14.98
N ARG B 61 39.86 -0.71 -13.95
CA ARG B 61 40.20 -2.14 -14.05
C ARG B 61 38.96 -2.93 -14.49
N ALA B 62 37.78 -2.57 -13.98
CA ALA B 62 36.50 -3.25 -14.27
C ALA B 62 36.13 -3.08 -15.76
N SER B 63 36.62 -2.01 -16.40
CA SER B 63 36.63 -1.81 -17.86
C SER B 63 35.23 -1.53 -18.41
N PHE B 64 34.24 -1.24 -17.56
CA PHE B 64 32.85 -1.00 -17.98
C PHE B 64 32.64 0.48 -18.35
N SER B 65 33.56 1.39 -18.00
CA SER B 65 33.37 2.86 -18.20
C SER B 65 34.55 3.51 -18.90
N PRO B 66 34.49 3.66 -20.24
CA PRO B 66 35.45 4.51 -20.95
C PRO B 66 35.46 5.94 -20.38
N LEU B 67 34.31 6.44 -19.90
CA LEU B 67 34.20 7.80 -19.30
C LEU B 67 35.18 7.92 -18.13
N PHE B 68 35.04 7.06 -17.11
CA PHE B 68 35.88 7.13 -15.88
C PHE B 68 37.35 6.83 -16.21
N SER B 69 37.63 5.97 -17.19
CA SER B 69 39.00 5.68 -17.68
C SER B 69 39.64 6.95 -18.29
N ARG B 70 38.96 7.62 -19.24
CA ARG B 70 39.47 8.86 -19.89
C ARG B 70 39.77 9.91 -18.83
N GLN B 71 38.83 10.13 -17.89
CA GLN B 71 38.99 11.15 -16.82
C GLN B 71 40.20 10.75 -15.95
N LEU B 72 40.28 9.48 -15.54
CA LEU B 72 41.37 9.02 -14.65
C LEU B 72 42.73 9.29 -15.28
N PHE B 73 42.92 9.00 -16.56
CA PHE B 73 44.24 9.17 -17.23
C PHE B 73 44.58 10.65 -17.30
N ALA B 74 43.60 11.48 -17.69
CA ALA B 74 43.72 12.95 -17.71
C ALA B 74 44.19 13.42 -16.33
N LEU B 75 43.51 13.00 -15.25
CA LEU B 75 43.88 13.39 -13.87
C LEU B 75 45.32 12.96 -13.57
N LYS B 76 45.69 11.72 -13.92
CA LYS B 76 47.05 11.17 -13.63
C LYS B 76 48.09 11.99 -14.41
N SER B 77 47.83 12.26 -15.70
CA SER B 77 48.66 13.15 -16.54
C SER B 77 48.88 14.50 -15.83
N TYR B 78 47.79 15.17 -15.39
CA TYR B 78 47.85 16.46 -14.65
C TYR B 78 48.66 16.29 -13.35
N ARG B 79 48.61 15.13 -12.70
CA ARG B 79 49.42 14.86 -11.49
C ARG B 79 50.89 14.69 -11.90
N GLN B 80 51.17 13.99 -13.02
CA GLN B 80 52.54 13.68 -13.50
C GLN B 80 53.30 15.00 -13.73
N GLN B 81 52.72 15.90 -14.51
CA GLN B 81 53.17 17.32 -14.66
C GLN B 81 52.53 18.07 -13.50
N ASP B 82 53.26 18.85 -12.71
CA ASP B 82 52.66 19.42 -11.47
C ASP B 82 51.65 20.50 -11.87
N ARG B 83 50.43 20.10 -12.25
CA ARG B 83 49.35 21.02 -12.69
C ARG B 83 48.15 20.79 -11.77
N TRP B 84 48.29 21.13 -10.49
CA TRP B 84 47.31 20.79 -9.44
C TRP B 84 46.09 21.71 -9.49
N HIS B 85 46.19 22.89 -10.11
CA HIS B 85 45.00 23.73 -10.39
C HIS B 85 44.06 22.96 -11.33
N GLU B 86 44.59 22.46 -12.45
CA GLU B 86 43.82 21.71 -13.48
C GLU B 86 43.31 20.40 -12.88
N TYR B 87 44.13 19.75 -12.05
CA TYR B 87 43.77 18.48 -11.35
C TYR B 87 42.53 18.73 -10.49
N ASP B 88 42.52 19.85 -9.74
CA ASP B 88 41.50 20.22 -8.73
C ASP B 88 40.14 20.33 -9.42
N VAL B 89 40.03 21.21 -10.42
CA VAL B 89 38.91 21.11 -11.40
C VAL B 89 39.18 19.80 -12.11
N LEU B 90 38.23 19.23 -12.81
CA LEU B 90 38.34 17.86 -13.38
C LEU B 90 38.18 16.84 -12.26
N ALA B 91 38.94 16.91 -11.15
CA ALA B 91 38.68 16.05 -9.98
C ALA B 91 37.26 16.36 -9.47
N THR B 92 36.96 17.65 -9.27
CA THR B 92 35.63 18.12 -8.82
C THR B 92 34.58 17.64 -9.83
N ASP B 93 34.80 17.91 -11.12
CA ASP B 93 33.89 17.47 -12.20
C ASP B 93 33.73 15.94 -12.16
N THR B 94 34.81 15.21 -11.94
CA THR B 94 34.82 13.73 -11.99
C THR B 94 34.04 13.20 -10.78
N LEU B 95 34.17 13.86 -9.63
CA LEU B 95 33.39 13.48 -8.41
C LEU B 95 31.89 13.67 -8.65
N LEU B 96 31.47 14.71 -9.39
CA LEU B 96 30.02 14.89 -9.78
C LEU B 96 29.57 13.72 -10.66
N GLN B 97 30.37 13.34 -11.68
CA GLN B 97 30.10 12.14 -12.52
C GLN B 97 30.00 10.90 -11.62
N TYR B 98 30.90 10.77 -10.64
CA TYR B 98 30.94 9.64 -9.69
C TYR B 98 29.62 9.59 -8.89
N LEU B 99 29.12 10.74 -8.42
CA LEU B 99 27.86 10.81 -7.64
C LEU B 99 26.69 10.40 -8.53
N SER B 100 26.61 10.89 -9.76
CA SER B 100 25.58 10.47 -10.75
C SER B 100 25.62 8.94 -10.92
N TYR B 101 26.82 8.39 -11.15
CA TYR B 101 27.11 6.94 -11.26
C TYR B 101 26.54 6.18 -10.04
N ALA B 102 26.90 6.59 -8.83
CA ALA B 102 26.45 5.94 -7.59
C ALA B 102 24.92 5.96 -7.49
N GLU B 103 24.26 7.05 -7.91
CA GLU B 103 22.79 7.22 -7.81
C GLU B 103 22.07 6.42 -8.90
N GLN B 104 22.62 6.41 -10.11
CA GLN B 104 21.95 5.84 -11.32
C GLN B 104 22.20 4.32 -11.42
N ALA B 105 23.29 3.81 -10.83
CA ALA B 105 23.72 2.38 -10.90
C ALA B 105 22.56 1.46 -10.55
N PRO B 106 21.89 1.61 -9.38
CA PRO B 106 20.80 0.70 -9.00
C PRO B 106 19.52 0.85 -9.85
N LYS B 107 19.47 1.83 -10.75
CA LYS B 107 18.30 2.12 -11.61
C LYS B 107 18.55 1.68 -13.06
N VAL B 108 19.64 2.12 -13.69
CA VAL B 108 19.94 1.81 -15.12
C VAL B 108 21.33 1.16 -15.27
N GLY B 109 21.93 0.72 -14.16
CA GLY B 109 23.28 0.11 -14.15
C GLY B 109 23.40 -1.03 -15.14
N ILE B 110 22.39 -1.88 -15.21
CA ILE B 110 22.35 -3.07 -16.12
C ILE B 110 22.93 -2.69 -17.49
N ALA B 111 22.67 -1.48 -17.99
CA ALA B 111 23.15 -1.00 -19.31
C ALA B 111 24.67 -0.96 -19.36
N TRP B 112 25.34 -0.62 -18.25
CA TRP B 112 26.81 -0.40 -18.20
C TRP B 112 27.56 -1.73 -18.05
N PHE B 113 26.92 -2.76 -17.47
CA PHE B 113 27.60 -4.03 -17.09
C PHE B 113 27.21 -5.21 -17.98
N PHE B 114 26.08 -5.14 -18.70
CA PHE B 114 25.46 -6.32 -19.36
C PHE B 114 24.88 -6.00 -20.76
N GLU B 115 24.55 -4.75 -21.08
CA GLU B 115 23.90 -4.36 -22.36
C GLU B 115 24.73 -3.28 -23.06
N GLY B 116 25.90 -2.93 -22.54
CA GLY B 116 26.75 -1.85 -23.12
C GLY B 116 27.80 -1.38 -22.13
N GLN B 117 28.02 -0.06 -22.06
CA GLN B 117 29.13 0.57 -21.29
C GLN B 117 28.77 2.03 -20.92
N LEU B 118 29.41 2.55 -19.87
CA LEU B 118 29.31 3.95 -19.39
C LEU B 118 30.29 4.81 -20.20
N ASP B 119 29.89 5.17 -21.43
CA ASP B 119 30.74 5.71 -22.52
C ASP B 119 30.69 7.23 -22.53
N GLN B 120 29.51 7.81 -22.32
CA GLN B 120 29.24 9.27 -22.42
C GLN B 120 29.03 9.83 -21.01
N PRO B 121 29.35 11.12 -20.77
CA PRO B 121 29.12 11.74 -19.47
C PRO B 121 27.69 11.47 -18.99
N LEU B 122 27.52 11.23 -17.69
CA LEU B 122 26.19 11.06 -17.06
C LEU B 122 25.53 12.42 -16.86
N ALA B 123 24.20 12.45 -16.73
CA ALA B 123 23.42 13.63 -16.26
C ALA B 123 23.95 14.07 -14.89
N PRO B 124 23.91 15.39 -14.59
CA PRO B 124 24.34 15.89 -13.28
C PRO B 124 23.76 15.08 -12.12
N PRO B 125 24.45 14.99 -10.96
CA PRO B 125 23.87 14.30 -9.81
C PRO B 125 22.64 15.04 -9.30
N SER B 126 21.76 14.34 -8.58
CA SER B 126 20.51 14.88 -8.00
C SER B 126 20.82 16.03 -7.04
N GLU B 127 19.82 16.84 -6.70
CA GLU B 127 19.95 17.99 -5.77
C GLU B 127 20.36 17.46 -4.39
N GLU B 128 19.82 16.32 -3.95
CA GLU B 128 20.18 15.69 -2.65
C GLU B 128 21.68 15.35 -2.61
N ALA B 129 22.23 14.91 -3.74
CA ALA B 129 23.66 14.51 -3.88
C ALA B 129 24.55 15.76 -3.88
N GLN B 130 24.10 16.83 -4.55
CA GLN B 130 24.82 18.13 -4.59
C GLN B 130 24.90 18.69 -3.17
N LEU B 131 23.81 18.64 -2.41
CA LEU B 131 23.72 19.06 -0.98
C LEU B 131 24.72 18.23 -0.15
N ALA B 132 24.70 16.89 -0.29
CA ALA B 132 25.66 15.97 0.34
C ALA B 132 27.08 16.43 0.03
N LEU B 133 27.34 16.82 -1.22
CA LEU B 133 28.69 17.28 -1.67
C LEU B 133 29.09 18.54 -0.91
N HIS B 134 28.22 19.56 -0.87
CA HIS B 134 28.41 20.87 -0.18
C HIS B 134 28.86 20.65 1.27
N MSE B 135 28.14 19.76 1.96
CA MSE B 135 28.39 19.43 3.37
C MSE B 135 29.80 18.82 3.55
O MSE B 135 30.56 19.22 4.44
CB MSE B 135 27.30 18.47 3.87
CG MSE B 135 25.89 19.04 3.72
SE MSE B 135 24.46 17.88 4.41
CE MSE B 135 25.03 16.02 4.03
N ALA B 136 30.14 17.85 2.69
CA ALA B 136 31.41 17.15 2.79
C ALA B 136 32.58 18.11 2.57
N ILE B 137 32.44 19.06 1.62
CA ILE B 137 33.45 20.13 1.36
C ILE B 137 33.62 20.95 2.64
N GLY B 138 32.51 21.43 3.22
CA GLY B 138 32.50 22.23 4.44
C GLY B 138 33.30 21.59 5.56
N ASN B 139 33.28 20.25 5.67
CA ASN B 139 33.81 19.47 6.82
C ASN B 139 35.13 18.77 6.48
N GLN B 140 35.68 19.01 5.27
CA GLN B 140 36.91 18.32 4.75
C GLN B 140 36.74 16.80 4.92
N SER B 141 35.57 16.28 4.51
CA SER B 141 35.19 14.85 4.66
C SER B 141 34.77 14.29 3.30
N LEU B 142 35.52 14.60 2.24
CA LEU B 142 35.23 14.17 0.84
C LEU B 142 35.40 12.64 0.73
N ALA B 143 36.43 12.07 1.35
CA ALA B 143 36.68 10.61 1.32
C ALA B 143 35.46 9.88 1.89
N ARG B 144 34.95 10.34 3.03
CA ARG B 144 33.79 9.72 3.72
C ARG B 144 32.54 9.81 2.83
N LEU B 145 32.38 10.91 2.08
CA LEU B 145 31.24 11.10 1.14
C LEU B 145 31.27 9.99 0.09
N MSE B 146 32.47 9.70 -0.45
CA MSE B 146 32.63 8.67 -1.46
C MSE B 146 32.20 7.32 -0.89
O MSE B 146 31.44 6.61 -1.55
CB MSE B 146 34.08 8.61 -1.97
CG MSE B 146 34.55 9.90 -2.62
SE MSE B 146 36.43 9.87 -3.18
CE MSE B 146 37.58 8.94 -1.89
N ASP B 147 32.65 7.00 0.33
CA ASP B 147 32.31 5.73 0.96
C ASP B 147 30.79 5.66 1.21
N GLU B 148 30.16 6.79 1.54
CA GLU B 148 28.69 6.94 1.68
C GLU B 148 27.97 6.58 0.37
N TYR B 149 28.57 6.90 -0.78
CA TYR B 149 27.96 6.72 -2.11
C TYR B 149 28.48 5.41 -2.74
N THR B 150 28.72 4.40 -1.89
CA THR B 150 28.92 2.97 -2.27
C THR B 150 27.72 2.17 -1.79
N PRO B 151 27.51 0.89 -2.23
CA PRO B 151 26.50 0.01 -1.63
C PRO B 151 26.82 -0.30 -0.17
N GLN B 152 25.82 -0.35 0.73
CA GLN B 152 26.10 -0.44 2.20
C GLN B 152 26.17 -1.92 2.62
N ASP B 153 25.83 -2.87 1.73
CA ASP B 153 26.07 -4.33 1.89
C ASP B 153 27.56 -4.56 2.20
N PRO B 154 27.90 -5.29 3.29
CA PRO B 154 29.28 -5.55 3.68
C PRO B 154 30.12 -6.28 2.63
N ALA B 155 29.48 -6.94 1.67
CA ALA B 155 30.11 -7.73 0.59
C ALA B 155 31.01 -6.82 -0.26
N TYR B 156 30.62 -5.55 -0.43
CA TYR B 156 31.37 -4.55 -1.23
C TYR B 156 32.74 -4.37 -0.58
N GLN B 157 32.75 -4.08 0.73
CA GLN B 157 33.98 -3.74 1.49
C GLN B 157 34.95 -4.94 1.42
N GLN B 158 34.48 -6.15 1.68
CA GLN B 158 35.31 -7.38 1.72
C GLN B 158 35.96 -7.61 0.36
N LEU B 159 35.22 -7.34 -0.73
CA LEU B 159 35.74 -7.50 -2.11
C LEU B 159 36.89 -6.50 -2.33
N LEU B 160 36.73 -5.26 -1.84
CA LEU B 160 37.72 -4.18 -2.04
C LEU B 160 38.95 -4.39 -1.15
N GLN B 161 38.80 -4.95 0.06
CA GLN B 161 39.95 -5.26 0.96
C GLN B 161 40.88 -6.25 0.26
N ALA B 162 40.34 -7.36 -0.24
CA ALA B 162 41.07 -8.40 -0.99
C ALA B 162 41.75 -7.78 -2.22
N TYR B 163 41.07 -6.83 -2.89
CA TYR B 163 41.61 -6.08 -4.05
C TYR B 163 42.89 -5.36 -3.61
N GLN B 164 42.82 -4.65 -2.48
CA GLN B 164 43.94 -3.87 -1.89
C GLN B 164 45.11 -4.81 -1.64
N SER B 165 44.92 -5.83 -0.80
CA SER B 165 45.93 -6.88 -0.50
C SER B 165 46.57 -7.37 -1.80
N LEU B 166 45.76 -7.79 -2.77
CA LEU B 166 46.28 -8.39 -4.03
C LEU B 166 47.01 -7.32 -4.87
N SER B 167 46.57 -6.07 -4.82
CA SER B 167 47.18 -4.96 -5.61
C SER B 167 48.66 -4.81 -5.23
N SER B 168 49.00 -4.98 -3.94
CA SER B 168 50.37 -4.91 -3.37
C SER B 168 51.33 -5.86 -4.12
N ILE B 169 50.90 -7.12 -4.31
CA ILE B 169 51.76 -8.21 -4.88
C ILE B 169 51.47 -8.38 -6.38
N GLU B 170 50.99 -7.35 -7.07
CA GLU B 170 50.46 -7.49 -8.45
C GLU B 170 51.58 -7.90 -9.42
N PHE B 171 52.72 -7.22 -9.36
CA PHE B 171 53.78 -7.26 -10.41
C PHE B 171 54.97 -8.12 -9.95
N ASN B 172 54.84 -8.80 -8.80
CA ASN B 172 55.75 -9.88 -8.34
C ASN B 172 55.65 -11.05 -9.31
N GLU B 173 56.80 -11.55 -9.77
CA GLU B 173 56.88 -12.74 -10.66
C GLU B 173 56.52 -14.00 -9.85
N VAL B 174 55.80 -14.91 -10.50
CA VAL B 174 55.35 -16.22 -9.96
C VAL B 174 55.34 -17.16 -11.15
N ALA B 175 56.18 -18.20 -11.14
CA ALA B 175 56.23 -19.20 -12.23
C ALA B 175 54.82 -19.76 -12.47
N LEU B 176 54.44 -19.88 -13.73
CA LEU B 176 53.33 -20.77 -14.14
C LEU B 176 53.57 -22.15 -13.52
N TYR B 177 52.57 -22.72 -12.85
CA TYR B 177 52.55 -24.15 -12.46
C TYR B 177 52.46 -24.98 -13.75
N GLU B 178 53.38 -25.93 -13.92
CA GLU B 178 53.44 -26.83 -15.10
C GLU B 178 53.53 -28.28 -14.61
N GLN B 179 53.07 -29.19 -15.45
CA GLN B 179 52.87 -30.62 -15.12
C GLN B 179 53.19 -31.43 -16.36
N MSE B 180 53.96 -32.53 -16.21
CA MSE B 180 54.26 -33.35 -17.37
C MSE B 180 53.04 -34.18 -17.75
O MSE B 180 52.74 -34.31 -18.92
CB MSE B 180 55.50 -34.20 -17.11
CG MSE B 180 56.79 -33.40 -17.04
SE MSE B 180 57.14 -32.41 -18.70
CE MSE B 180 57.45 -33.56 -20.26
N GLU B 181 52.30 -34.70 -16.75
CA GLU B 181 51.12 -35.49 -17.04
C GLU B 181 49.89 -34.57 -17.14
N ARG B 182 48.80 -35.06 -17.73
CA ARG B 182 47.51 -34.31 -17.80
C ARG B 182 46.93 -34.19 -16.39
N LEU B 183 47.06 -35.26 -15.58
CA LEU B 183 46.52 -35.35 -14.20
C LEU B 183 47.63 -35.82 -13.25
N LYS B 184 47.77 -35.17 -12.09
CA LYS B 184 48.58 -35.65 -10.95
C LYS B 184 47.63 -35.92 -9.78
N ARG B 185 47.68 -37.14 -9.23
CA ARG B 185 46.91 -37.56 -8.03
C ARG B 185 47.82 -37.43 -6.81
N PRO B 186 47.27 -37.51 -5.58
CA PRO B 186 48.09 -37.61 -4.37
C PRO B 186 49.08 -38.78 -4.43
N GLY B 187 50.35 -38.53 -4.12
CA GLY B 187 51.44 -39.53 -4.18
C GLY B 187 52.32 -39.35 -5.40
N ASP B 188 51.81 -38.77 -6.50
CA ASP B 188 52.55 -38.60 -7.78
C ASP B 188 53.63 -37.54 -7.58
N PRO B 189 54.79 -37.63 -8.28
CA PRO B 189 55.82 -36.59 -8.23
C PRO B 189 55.40 -35.24 -8.84
N LEU B 190 55.95 -34.12 -8.35
CA LEU B 190 55.60 -32.73 -8.78
C LEU B 190 56.86 -31.91 -9.11
N SER B 191 56.94 -31.40 -10.34
CA SER B 191 58.02 -30.52 -10.86
C SER B 191 57.93 -29.12 -10.24
N HIS B 192 56.74 -28.52 -10.23
CA HIS B 192 56.55 -27.07 -9.98
C HIS B 192 55.85 -26.85 -8.64
N ARG B 193 56.24 -27.62 -7.62
CA ARG B 193 55.64 -27.56 -6.28
C ARG B 193 55.86 -26.16 -5.66
N GLU B 194 56.91 -25.43 -6.06
CA GLU B 194 57.14 -24.04 -5.60
C GLU B 194 55.99 -23.17 -6.14
N ALA B 195 55.73 -23.24 -7.46
CA ALA B 195 54.73 -22.41 -8.18
C ALA B 195 53.33 -22.71 -7.62
N LEU B 196 52.97 -23.99 -7.59
CA LEU B 196 51.74 -24.53 -6.98
C LEU B 196 51.46 -23.82 -5.63
N VAL B 197 52.39 -23.84 -4.68
CA VAL B 197 52.16 -23.33 -3.29
C VAL B 197 52.05 -21.81 -3.30
N GLN B 198 52.87 -21.11 -4.09
CA GLN B 198 52.77 -19.63 -4.23
C GLN B 198 51.34 -19.29 -4.67
N ARG B 199 50.83 -20.02 -5.69
CA ARG B 199 49.53 -19.76 -6.37
C ARG B 199 48.36 -20.14 -5.44
N LEU B 200 48.52 -21.14 -4.58
CA LEU B 200 47.54 -21.44 -3.50
C LEU B 200 47.51 -20.28 -2.49
N ALA B 201 48.67 -19.65 -2.25
CA ALA B 201 48.81 -18.56 -1.27
C ALA B 201 48.17 -17.28 -1.81
N LEU B 202 48.28 -17.05 -3.12
CA LEU B 202 47.81 -15.80 -3.78
C LEU B 202 46.31 -15.62 -3.56
N VAL B 203 45.56 -16.70 -3.38
CA VAL B 203 44.08 -16.65 -3.16
C VAL B 203 43.76 -16.83 -1.67
N ASN B 204 44.75 -16.61 -0.80
CA ASN B 204 44.56 -16.46 0.68
C ASN B 204 44.01 -17.76 1.29
N LEU B 205 44.41 -18.91 0.75
CA LEU B 205 44.21 -20.23 1.40
C LEU B 205 45.24 -20.38 2.52
N ASP B 206 44.86 -21.07 3.60
CA ASP B 206 45.76 -21.45 4.71
C ASP B 206 46.87 -22.34 4.16
N THR B 207 48.08 -21.81 4.02
CA THR B 207 49.28 -22.51 3.48
C THR B 207 50.22 -22.90 4.64
N THR B 208 49.85 -22.58 5.89
CA THR B 208 50.68 -22.73 7.13
C THR B 208 51.15 -24.18 7.30
N SER B 209 50.28 -25.17 7.01
CA SER B 209 50.55 -26.61 7.28
C SER B 209 51.22 -27.29 6.08
N ILE B 210 51.43 -26.58 4.98
CA ILE B 210 52.06 -27.16 3.75
C ILE B 210 53.56 -27.27 3.99
N LEU B 211 54.11 -28.48 3.87
CA LEU B 211 55.58 -28.74 3.97
C LEU B 211 56.24 -28.17 2.72
N ASN B 212 57.37 -27.48 2.88
CA ASN B 212 58.10 -26.85 1.75
C ASN B 212 59.14 -27.83 1.23
N ASP B 213 59.52 -27.68 -0.05
CA ASP B 213 60.77 -28.25 -0.63
C ASP B 213 60.68 -29.77 -0.74
N VAL B 214 59.53 -30.37 -0.42
CA VAL B 214 59.18 -31.78 -0.78
C VAL B 214 58.96 -31.85 -2.30
N ALA B 215 59.08 -33.02 -2.93
CA ALA B 215 59.11 -33.16 -4.41
C ALA B 215 58.01 -34.08 -4.94
N TYR B 216 56.92 -34.28 -4.21
CA TYR B 216 55.75 -35.05 -4.69
C TYR B 216 54.47 -34.47 -4.06
N TYR B 217 53.33 -34.93 -4.56
CA TYR B 217 51.99 -34.51 -4.08
C TYR B 217 51.74 -35.17 -2.72
N ASP B 218 52.24 -34.54 -1.64
CA ASP B 218 52.18 -35.10 -0.27
C ASP B 218 50.83 -34.76 0.38
N ALA B 219 50.56 -35.36 1.54
CA ALA B 219 49.30 -35.24 2.31
C ALA B 219 49.02 -33.76 2.64
N SER B 220 50.05 -32.93 2.84
CA SER B 220 49.91 -31.52 3.27
C SER B 220 49.29 -30.63 2.17
N LEU B 221 49.23 -31.13 0.93
CA LEU B 221 48.62 -30.44 -0.24
C LEU B 221 47.15 -30.86 -0.42
N GLU B 222 46.74 -32.02 0.08
CA GLU B 222 45.45 -32.70 -0.24
C GLU B 222 44.26 -31.82 0.16
N LYS B 223 44.30 -31.21 1.35
CA LYS B 223 43.21 -30.33 1.83
C LYS B 223 43.29 -28.99 1.08
N PRO B 224 44.44 -28.30 1.04
CA PRO B 224 44.57 -27.07 0.25
C PRO B 224 44.11 -27.14 -1.22
N ILE B 225 44.46 -28.20 -1.94
CA ILE B 225 44.07 -28.39 -3.37
C ILE B 225 42.54 -28.53 -3.45
N LYS B 226 41.94 -29.36 -2.59
CA LYS B 226 40.47 -29.56 -2.55
C LYS B 226 39.77 -28.23 -2.24
N GLN B 227 40.30 -27.45 -1.29
CA GLN B 227 39.77 -26.12 -0.90
C GLN B 227 39.85 -25.17 -2.10
N PHE B 228 40.97 -25.19 -2.82
CA PHE B 228 41.18 -24.39 -4.05
C PHE B 228 40.14 -24.82 -5.09
N GLN B 229 39.92 -26.13 -5.21
CA GLN B 229 38.92 -26.68 -6.16
C GLN B 229 37.51 -26.19 -5.74
N LYS B 230 37.19 -26.20 -4.45
CA LYS B 230 35.88 -25.72 -3.93
C LYS B 230 35.71 -24.23 -4.26
N MSE B 231 36.77 -23.45 -4.01
CA MSE B 231 36.76 -22.01 -4.20
C MSE B 231 36.35 -21.63 -5.63
O MSE B 231 35.81 -20.54 -5.83
CB MSE B 231 38.16 -21.45 -3.98
CG MSE B 231 38.50 -21.02 -2.57
SE MSE B 231 40.04 -19.78 -2.71
CE MSE B 231 39.73 -18.53 -4.20
N HIS B 232 36.68 -22.47 -6.61
CA HIS B 232 36.39 -22.19 -8.01
C HIS B 232 35.18 -23.00 -8.52
N GLY B 233 34.35 -23.55 -7.63
CA GLY B 233 33.19 -24.40 -8.00
C GLY B 233 33.58 -25.57 -8.89
N LEU B 234 34.75 -26.17 -8.67
CA LEU B 234 35.20 -27.41 -9.35
C LEU B 234 34.82 -28.61 -8.46
N GLN B 235 34.77 -29.80 -9.06
CA GLN B 235 34.65 -31.07 -8.29
C GLN B 235 35.90 -31.21 -7.43
N THR B 236 35.72 -31.39 -6.11
CA THR B 236 36.79 -31.50 -5.11
C THR B 236 37.30 -32.95 -5.07
N ASP B 237 37.91 -33.40 -6.18
CA ASP B 237 38.45 -34.78 -6.35
C ASP B 237 39.95 -34.82 -5.99
N GLY B 238 40.57 -33.67 -5.70
CA GLY B 238 41.99 -33.57 -5.29
C GLY B 238 42.95 -33.71 -6.46
N VAL B 239 42.43 -33.98 -7.67
CA VAL B 239 43.25 -34.23 -8.88
C VAL B 239 43.61 -32.87 -9.48
N ILE B 240 44.91 -32.60 -9.65
CA ILE B 240 45.37 -31.38 -10.37
C ILE B 240 45.21 -31.64 -11.87
N GLY B 241 44.10 -31.21 -12.46
CA GLY B 241 43.79 -31.43 -13.88
C GLY B 241 43.84 -30.13 -14.66
N PRO B 242 43.42 -30.12 -15.95
CA PRO B 242 43.40 -28.91 -16.77
C PRO B 242 42.53 -27.78 -16.20
N GLN B 243 41.43 -28.14 -15.55
CA GLN B 243 40.47 -27.18 -14.94
C GLN B 243 41.15 -26.48 -13.76
N THR B 244 41.81 -27.25 -12.88
CA THR B 244 42.52 -26.69 -11.70
C THR B 244 43.69 -25.84 -12.18
N MSE B 245 44.37 -26.30 -13.23
CA MSE B 245 45.56 -25.61 -13.72
C MSE B 245 45.19 -24.28 -14.34
O MSE B 245 45.89 -23.29 -14.11
CB MSE B 245 46.31 -26.50 -14.70
CG MSE B 245 47.07 -27.61 -14.01
SE MSE B 245 48.16 -28.56 -15.31
CE MSE B 245 49.62 -27.29 -15.70
N LYS B 246 44.10 -24.24 -15.11
CA LYS B 246 43.62 -23.00 -15.73
C LYS B 246 43.46 -21.93 -14.65
N TRP B 247 42.83 -22.26 -13.53
CA TRP B 247 42.54 -21.31 -12.42
C TRP B 247 43.81 -21.00 -11.63
N LEU B 248 44.72 -21.97 -11.51
CA LEU B 248 46.02 -21.79 -10.81
C LEU B 248 46.86 -20.75 -11.55
N ASN B 249 46.87 -20.82 -12.89
CA ASN B 249 47.79 -20.02 -13.75
C ASN B 249 47.18 -18.66 -14.10
N THR B 250 45.98 -18.39 -13.59
CA THR B 250 45.32 -17.07 -13.62
C THR B 250 46.27 -16.03 -12.99
N SER B 251 46.55 -14.95 -13.73
CA SER B 251 47.32 -13.77 -13.25
C SER B 251 46.67 -13.18 -12.01
N VAL B 252 47.45 -12.44 -11.24
CA VAL B 252 46.93 -11.54 -10.18
C VAL B 252 46.18 -10.37 -10.84
N THR B 253 46.64 -9.93 -12.02
CA THR B 253 46.03 -8.81 -12.79
C THR B 253 44.63 -9.25 -13.23
N GLU B 254 44.51 -10.48 -13.75
CA GLU B 254 43.21 -11.09 -14.14
C GLU B 254 42.29 -11.14 -12.91
N ARG B 255 42.79 -11.58 -11.75
CA ARG B 255 41.98 -11.72 -10.50
C ARG B 255 41.49 -10.33 -10.08
N LEU B 256 42.34 -9.30 -10.19
CA LEU B 256 42.03 -7.91 -9.74
C LEU B 256 40.91 -7.35 -10.63
N ALA B 257 40.96 -7.63 -11.93
CA ALA B 257 39.89 -7.32 -12.92
C ALA B 257 38.54 -7.90 -12.44
N LEU B 258 38.52 -9.20 -12.15
CA LEU B 258 37.30 -9.92 -11.68
C LEU B 258 36.79 -9.32 -10.36
N LEU B 259 37.68 -9.02 -9.43
CA LEU B 259 37.29 -8.44 -8.11
C LEU B 259 36.68 -7.05 -8.33
N ALA B 260 37.33 -6.21 -9.12
CA ALA B 260 36.91 -4.83 -9.42
C ALA B 260 35.50 -4.88 -10.01
N LEU B 261 35.33 -5.66 -11.09
CA LEU B 261 34.06 -5.75 -11.85
C LEU B 261 32.93 -6.22 -10.93
N ASN B 262 33.19 -7.26 -10.13
CA ASN B 262 32.18 -7.85 -9.23
C ASN B 262 31.86 -6.88 -8.09
N ALA B 263 32.85 -6.13 -7.59
CA ALA B 263 32.62 -5.11 -6.54
C ALA B 263 31.59 -4.09 -7.04
N GLU B 264 31.88 -3.47 -8.19
CA GLU B 264 31.03 -2.41 -8.78
C GLU B 264 29.64 -2.97 -9.17
N ARG B 265 29.55 -4.27 -9.49
CA ARG B 265 28.26 -4.94 -9.81
C ARG B 265 27.32 -4.91 -8.60
N ILE B 266 27.84 -4.90 -7.39
CA ILE B 266 26.99 -4.89 -6.16
C ILE B 266 26.16 -3.60 -6.13
N ARG B 267 26.61 -2.54 -6.78
CA ARG B 267 25.82 -1.28 -6.92
C ARG B 267 24.48 -1.54 -7.62
N LEU B 268 24.37 -2.63 -8.42
CA LEU B 268 23.11 -3.01 -9.14
C LEU B 268 22.15 -3.74 -8.20
N TRP B 269 22.65 -4.32 -7.12
CA TRP B 269 21.85 -5.05 -6.08
C TRP B 269 22.43 -4.74 -4.70
N PRO B 270 22.42 -3.45 -4.27
CA PRO B 270 23.11 -3.03 -3.06
C PRO B 270 22.36 -3.26 -1.74
N THR B 271 21.03 -3.35 -1.78
CA THR B 271 20.15 -3.51 -0.58
C THR B 271 19.95 -5.00 -0.27
N GLN B 272 20.08 -5.35 1.01
CA GLN B 272 19.81 -6.71 1.56
C GLN B 272 18.58 -6.60 2.46
N GLN B 273 17.45 -7.18 2.07
CA GLN B 273 16.18 -7.15 2.84
C GLN B 273 16.14 -8.34 3.81
N ASP B 274 15.23 -8.32 4.77
CA ASP B 274 15.08 -9.38 5.81
C ASP B 274 14.40 -10.59 5.18
N SER B 275 13.47 -10.37 4.26
CA SER B 275 12.70 -11.40 3.51
C SER B 275 13.07 -11.26 2.04
N MSE B 276 13.65 -12.32 1.45
CA MSE B 276 14.37 -12.14 0.20
C MSE B 276 14.75 -13.47 -0.45
O MSE B 276 15.07 -14.44 0.24
CB MSE B 276 15.63 -11.32 0.46
CG MSE B 276 16.19 -10.65 -0.76
SE MSE B 276 17.87 -9.78 -0.24
CE MSE B 276 18.96 -11.01 0.83
N ILE B 277 14.72 -13.49 -1.80
CA ILE B 277 15.24 -14.60 -2.57
C ILE B 277 16.29 -14.07 -3.56
N VAL B 278 17.49 -14.64 -3.53
CA VAL B 278 18.58 -14.28 -4.48
C VAL B 278 19.05 -15.55 -5.19
N VAL B 279 19.13 -15.46 -6.52
CA VAL B 279 19.67 -16.51 -7.44
C VAL B 279 20.93 -15.94 -8.08
N ASN B 280 22.07 -16.58 -7.83
CA ASN B 280 23.33 -16.20 -8.50
C ASN B 280 23.51 -17.13 -9.70
N VAL B 281 23.29 -16.59 -10.90
CA VAL B 281 23.35 -17.38 -12.17
C VAL B 281 24.69 -18.11 -12.31
N PRO B 282 25.86 -17.45 -12.31
CA PRO B 282 27.13 -18.14 -12.56
C PRO B 282 27.57 -19.10 -11.44
N GLY B 283 26.98 -18.98 -10.26
CA GLY B 283 27.17 -19.92 -9.13
C GLY B 283 26.10 -21.00 -9.12
N PHE B 284 25.11 -20.90 -10.00
CA PHE B 284 24.00 -21.87 -10.19
C PHE B 284 23.41 -22.28 -8.84
N ASP B 285 23.19 -21.31 -7.95
CA ASP B 285 22.55 -21.61 -6.64
C ASP B 285 21.67 -20.43 -6.22
N MSE B 286 20.88 -20.68 -5.18
CA MSE B 286 19.98 -19.67 -4.66
C MSE B 286 19.90 -19.77 -3.15
O MSE B 286 20.25 -20.80 -2.56
CB MSE B 286 18.60 -19.90 -5.26
CG MSE B 286 17.98 -21.19 -4.77
SE MSE B 286 16.13 -21.16 -5.37
CE MSE B 286 15.18 -21.02 -3.67
N LYS B 287 19.40 -18.70 -2.53
CA LYS B 287 19.14 -18.68 -1.10
C LYS B 287 17.84 -17.94 -0.84
N TYR B 288 17.13 -18.32 0.23
CA TYR B 288 15.92 -17.64 0.72
C TYR B 288 16.15 -17.25 2.18
N TRP B 289 16.06 -15.95 2.46
CA TRP B 289 16.05 -15.36 3.82
C TRP B 289 14.61 -15.01 4.18
N ASP B 290 14.16 -15.32 5.39
CA ASP B 290 12.74 -15.04 5.79
C ASP B 290 12.65 -13.74 6.60
N ALA B 291 13.43 -13.58 7.66
CA ALA B 291 13.47 -12.38 8.54
C ALA B 291 14.90 -12.17 9.04
N GLY B 292 15.81 -11.86 8.12
CA GLY B 292 17.28 -11.81 8.33
C GLY B 292 17.87 -13.18 8.64
N ARG B 293 17.06 -14.24 8.49
CA ARG B 293 17.40 -15.64 8.86
C ARG B 293 17.46 -16.47 7.56
N GLU B 294 18.63 -17.05 7.25
CA GLU B 294 18.82 -17.93 6.07
C GLU B 294 18.10 -19.25 6.35
N VAL B 295 17.00 -19.52 5.63
CA VAL B 295 16.05 -20.64 5.91
C VAL B 295 16.08 -21.69 4.78
N PHE B 296 16.80 -21.44 3.68
CA PHE B 296 16.76 -22.35 2.50
C PHE B 296 17.88 -22.04 1.50
N GLU B 297 18.58 -23.10 1.09
CA GLU B 297 19.65 -23.06 0.06
C GLU B 297 19.42 -24.22 -0.93
N SER B 298 19.77 -24.02 -2.20
CA SER B 298 19.58 -25.03 -3.27
C SER B 298 20.44 -24.69 -4.48
N LYS B 299 21.01 -25.72 -5.08
CA LYS B 299 21.53 -25.68 -6.47
C LYS B 299 20.35 -25.33 -7.38
N VAL B 300 20.62 -24.63 -8.47
CA VAL B 300 19.62 -24.39 -9.56
C VAL B 300 20.23 -24.75 -10.92
N VAL B 301 19.36 -24.89 -11.91
CA VAL B 301 19.69 -24.83 -13.36
C VAL B 301 19.21 -23.46 -13.85
N VAL B 302 19.99 -22.84 -14.73
CA VAL B 302 19.69 -21.51 -15.32
C VAL B 302 19.62 -21.67 -16.84
N GLY B 303 19.28 -20.60 -17.57
CA GLY B 303 19.20 -20.64 -19.04
C GLY B 303 20.53 -21.00 -19.68
N LYS B 304 20.48 -21.69 -20.82
CA LYS B 304 21.57 -21.82 -21.82
C LYS B 304 22.13 -20.45 -22.23
N THR B 305 23.34 -20.44 -22.78
CA THR B 305 24.06 -19.21 -23.25
C THR B 305 23.22 -18.56 -24.35
N THR B 306 22.45 -19.35 -25.09
CA THR B 306 21.57 -18.93 -26.20
C THR B 306 20.21 -18.43 -25.69
N ARG B 307 19.81 -18.74 -24.45
CA ARG B 307 18.53 -18.30 -23.87
C ARG B 307 18.75 -17.94 -22.42
N PRO B 308 19.56 -16.91 -22.14
CA PRO B 308 20.09 -16.71 -20.79
C PRO B 308 19.01 -16.24 -19.81
N THR B 309 19.11 -16.67 -18.56
CA THR B 309 18.33 -16.10 -17.44
C THR B 309 18.70 -14.63 -17.35
N PRO B 310 17.77 -13.68 -17.54
CA PRO B 310 18.09 -12.26 -17.42
C PRO B 310 18.39 -11.91 -15.97
N VAL B 311 19.27 -10.94 -15.78
CA VAL B 311 19.49 -10.24 -14.49
C VAL B 311 18.28 -9.33 -14.29
N MSE B 312 17.58 -9.46 -13.15
CA MSE B 312 16.34 -8.72 -12.95
C MSE B 312 15.90 -8.82 -11.49
O MSE B 312 16.32 -9.71 -10.75
CB MSE B 312 15.22 -9.28 -13.83
CG MSE B 312 15.05 -10.76 -13.67
SE MSE B 312 13.45 -11.51 -14.51
CE MSE B 312 13.09 -10.55 -16.15
N ASN B 313 15.05 -7.85 -11.11
CA ASN B 313 14.27 -7.92 -9.88
C ASN B 313 12.83 -8.27 -10.24
N THR B 314 12.23 -9.26 -9.56
CA THR B 314 10.78 -9.56 -9.63
C THR B 314 10.30 -9.87 -8.21
N LYS B 315 9.04 -10.27 -8.06
CA LYS B 315 8.46 -10.67 -6.76
C LYS B 315 7.76 -12.02 -6.94
N LEU B 316 7.91 -12.90 -5.95
CA LEU B 316 7.14 -14.16 -5.84
C LEU B 316 5.81 -13.85 -5.15
N ASP B 317 4.68 -14.03 -5.85
CA ASP B 317 3.33 -13.69 -5.31
C ASP B 317 2.57 -14.97 -4.92
N SER B 318 2.92 -16.12 -5.50
CA SER B 318 2.14 -17.37 -5.36
C SER B 318 2.92 -18.57 -5.88
N LEU B 319 2.31 -19.73 -5.68
CA LEU B 319 2.89 -21.07 -5.84
C LEU B 319 1.80 -21.94 -6.50
N ILE B 320 2.13 -22.70 -7.54
CA ILE B 320 1.18 -23.66 -8.17
C ILE B 320 1.65 -25.07 -7.86
N ILE B 321 0.77 -25.89 -7.29
CA ILE B 321 1.07 -27.32 -7.03
C ILE B 321 0.46 -28.14 -8.17
N ASN B 322 1.18 -29.14 -8.65
CA ASN B 322 0.80 -29.98 -9.81
C ASN B 322 0.54 -29.05 -11.00
N PRO B 323 1.49 -28.18 -11.39
CA PRO B 323 1.27 -27.27 -12.49
C PRO B 323 1.18 -28.03 -13.82
N THR B 324 0.42 -27.48 -14.75
CA THR B 324 0.49 -27.83 -16.19
C THR B 324 1.52 -26.89 -16.81
N TRP B 325 1.99 -27.20 -18.02
CA TRP B 325 2.94 -26.34 -18.75
C TRP B 325 2.36 -25.97 -20.11
N ASN B 326 1.85 -24.74 -20.22
CA ASN B 326 1.50 -24.11 -21.51
C ASN B 326 2.81 -23.77 -22.20
N VAL B 327 3.16 -24.56 -23.21
CA VAL B 327 4.47 -24.49 -23.89
C VAL B 327 4.54 -23.17 -24.64
N PRO B 328 5.48 -22.25 -24.28
CA PRO B 328 5.62 -20.98 -24.99
C PRO B 328 5.84 -21.25 -26.48
N HIS B 329 5.32 -20.36 -27.33
CA HIS B 329 5.32 -20.49 -28.80
C HIS B 329 6.74 -20.77 -29.33
N LYS B 330 7.72 -19.98 -28.88
CA LYS B 330 9.13 -20.09 -29.31
C LYS B 330 9.67 -21.52 -29.07
N ILE B 331 9.30 -22.17 -27.95
CA ILE B 331 9.81 -23.51 -27.57
C ILE B 331 9.12 -24.60 -28.38
N MSE B 332 7.83 -24.41 -28.67
CA MSE B 332 7.10 -25.34 -29.51
C MSE B 332 7.73 -25.43 -30.91
O MSE B 332 7.93 -26.53 -31.44
CB MSE B 332 5.63 -24.90 -29.61
CG MSE B 332 4.75 -25.90 -30.31
SE MSE B 332 3.02 -25.10 -30.68
CE MSE B 332 3.26 -23.55 -31.88
N VAL B 333 8.03 -24.26 -31.50
CA VAL B 333 8.57 -24.16 -32.85
C VAL B 333 9.99 -24.75 -32.90
N GLU B 334 10.88 -24.28 -32.03
CA GLU B 334 12.35 -24.54 -32.11
C GLU B 334 12.69 -25.91 -31.53
N ASP B 335 11.96 -26.40 -30.51
CA ASP B 335 12.35 -27.61 -29.73
C ASP B 335 11.38 -28.76 -29.90
N ILE B 336 10.10 -28.56 -29.60
CA ILE B 336 9.11 -29.67 -29.43
C ILE B 336 8.69 -30.19 -30.81
N LEU B 337 8.09 -29.34 -31.65
CA LEU B 337 7.47 -29.80 -32.93
C LEU B 337 8.47 -30.57 -33.77
N PRO B 338 9.72 -30.10 -33.95
CA PRO B 338 10.72 -30.87 -34.70
C PRO B 338 10.86 -32.30 -34.18
N MSE B 339 10.97 -32.47 -32.86
CA MSE B 339 11.06 -33.81 -32.21
C MSE B 339 9.77 -34.59 -32.49
O MSE B 339 9.84 -35.80 -32.73
CB MSE B 339 11.23 -33.70 -30.69
CG MSE B 339 12.45 -32.97 -30.18
SE MSE B 339 14.00 -33.78 -31.11
CE MSE B 339 13.81 -35.80 -30.89
N VAL B 340 8.61 -33.91 -32.46
CA VAL B 340 7.29 -34.57 -32.66
C VAL B 340 7.19 -35.08 -34.11
N LYS B 341 7.74 -34.35 -35.08
CA LYS B 341 7.77 -34.81 -36.50
C LYS B 341 8.69 -36.04 -36.62
N ARG B 342 9.70 -36.17 -35.74
CA ARG B 342 10.71 -37.26 -35.81
C ARG B 342 10.25 -38.50 -35.02
N ASP B 343 9.38 -38.32 -34.02
CA ASP B 343 8.96 -39.38 -33.06
C ASP B 343 7.44 -39.37 -32.94
N SER B 344 6.75 -40.33 -33.57
CA SER B 344 5.26 -40.43 -33.54
C SER B 344 4.80 -40.56 -32.08
N GLU B 345 5.65 -41.08 -31.20
CA GLU B 345 5.33 -41.44 -29.79
C GLU B 345 5.76 -40.35 -28.78
N TYR B 346 6.31 -39.22 -29.22
CA TYR B 346 6.85 -38.15 -28.33
C TYR B 346 5.74 -37.59 -27.44
N LEU B 347 4.59 -37.25 -28.01
CA LEU B 347 3.47 -36.59 -27.27
C LEU B 347 2.96 -37.52 -26.16
N ALA B 348 2.80 -38.81 -26.44
CA ALA B 348 2.32 -39.79 -25.43
C ALA B 348 3.33 -39.92 -24.29
N ASN B 349 4.63 -39.89 -24.61
CA ASN B 349 5.75 -40.13 -23.65
C ASN B 349 5.92 -38.94 -22.71
N HIS B 350 5.62 -37.73 -23.19
CA HIS B 350 5.76 -36.45 -22.46
C HIS B 350 4.38 -35.92 -22.05
N HIS B 351 3.32 -36.72 -22.23
CA HIS B 351 1.92 -36.41 -21.83
C HIS B 351 1.53 -35.02 -22.29
N MSE B 352 1.83 -34.74 -23.57
CA MSE B 352 1.55 -33.44 -24.14
C MSE B 352 0.33 -33.56 -25.04
O MSE B 352 0.22 -34.54 -25.77
CB MSE B 352 2.76 -32.91 -24.90
CG MSE B 352 3.03 -31.44 -24.69
SE MSE B 352 4.93 -31.08 -24.91
CE MSE B 352 6.01 -32.07 -23.63
N GLU B 353 -0.54 -32.55 -24.97
CA GLU B 353 -1.75 -32.51 -25.77
C GLU B 353 -1.68 -31.32 -26.72
N ILE B 354 -2.32 -31.44 -27.87
CA ILE B 354 -2.48 -30.34 -28.85
C ILE B 354 -3.82 -29.66 -28.57
N ILE B 355 -3.83 -28.34 -28.46
CA ILE B 355 -4.99 -27.54 -27.96
C ILE B 355 -5.32 -26.48 -29.01
N ARG B 356 -6.58 -26.33 -29.40
CA ARG B 356 -6.97 -25.37 -30.46
C ARG B 356 -6.99 -23.95 -29.87
N GLY B 357 -7.93 -23.68 -28.96
CA GLY B 357 -8.29 -22.32 -28.52
C GLY B 357 -7.81 -22.00 -27.11
N TRP B 358 -7.97 -20.73 -26.74
CA TRP B 358 -7.59 -20.16 -25.42
C TRP B 358 -8.73 -20.39 -24.41
N SER B 359 -9.94 -19.93 -24.74
CA SER B 359 -11.21 -20.19 -24.00
C SER B 359 -11.84 -21.43 -24.65
N ASP B 360 -12.77 -22.08 -23.95
CA ASP B 360 -13.28 -23.43 -24.35
C ASP B 360 -12.18 -24.14 -25.14
N PRO B 361 -11.08 -24.54 -24.47
CA PRO B 361 -10.02 -25.30 -25.14
C PRO B 361 -10.53 -26.67 -25.63
N GLU B 362 -9.89 -27.21 -26.67
CA GLU B 362 -10.33 -28.42 -27.40
C GLU B 362 -9.10 -29.28 -27.74
N VAL B 363 -9.02 -30.47 -27.16
CA VAL B 363 -7.88 -31.42 -27.33
C VAL B 363 -7.94 -32.04 -28.74
N ILE B 364 -6.97 -31.71 -29.60
CA ILE B 364 -6.78 -32.28 -30.96
C ILE B 364 -6.01 -33.61 -30.88
N ASP B 365 -6.53 -34.68 -31.48
CA ASP B 365 -5.78 -35.96 -31.60
C ASP B 365 -4.67 -35.78 -32.62
N PRO B 366 -3.40 -36.14 -32.27
CA PRO B 366 -2.28 -36.12 -33.21
C PRO B 366 -2.53 -36.77 -34.57
N ALA B 367 -3.38 -37.81 -34.62
CA ALA B 367 -3.56 -38.71 -35.80
C ALA B 367 -4.39 -38.01 -36.89
N LEU B 368 -5.00 -36.86 -36.57
CA LEU B 368 -5.71 -35.97 -37.54
C LEU B 368 -4.71 -34.99 -38.17
N ILE B 369 -3.41 -35.13 -37.88
CA ILE B 369 -2.34 -34.19 -38.33
C ILE B 369 -1.34 -34.96 -39.20
N ASP B 370 -1.04 -34.40 -40.38
CA ASP B 370 0.03 -34.91 -41.28
C ASP B 370 1.34 -34.24 -40.84
N TRP B 371 2.12 -34.95 -40.02
CA TRP B 371 3.38 -34.43 -39.39
C TRP B 371 4.45 -34.18 -40.43
N GLU B 372 4.43 -34.92 -41.55
CA GLU B 372 5.28 -34.73 -42.74
C GLU B 372 5.08 -33.29 -43.29
N ALA B 373 3.83 -32.83 -43.32
CA ALA B 373 3.38 -31.56 -43.94
C ALA B 373 3.45 -30.39 -42.96
N VAL B 374 3.60 -30.64 -41.65
CA VAL B 374 3.62 -29.58 -40.60
C VAL B 374 4.89 -28.75 -40.75
N GLU B 375 4.75 -27.43 -40.83
CA GLU B 375 5.88 -26.47 -40.74
C GLU B 375 5.82 -25.79 -39.37
N PRO B 376 6.78 -26.09 -38.46
CA PRO B 376 6.72 -25.60 -37.07
C PRO B 376 6.27 -24.15 -36.91
N GLU B 377 6.72 -23.23 -37.79
CA GLU B 377 6.53 -21.77 -37.60
C GLU B 377 5.05 -21.40 -37.84
N THR B 378 4.35 -22.17 -38.67
CA THR B 378 2.95 -21.90 -39.10
C THR B 378 1.95 -22.73 -38.29
N PHE B 379 2.42 -23.71 -37.51
CA PHE B 379 1.53 -24.65 -36.76
C PHE B 379 0.52 -23.86 -35.95
N PRO B 380 -0.79 -24.02 -36.21
CA PRO B 380 -1.80 -23.09 -35.67
C PRO B 380 -2.25 -23.36 -34.22
N TYR B 381 -1.95 -24.54 -33.67
CA TYR B 381 -2.40 -24.95 -32.31
C TYR B 381 -1.31 -24.64 -31.26
N ARG B 382 -1.65 -24.87 -29.99
CA ARG B 382 -0.79 -24.72 -28.78
CA ARG B 382 -0.69 -24.73 -28.86
C ARG B 382 -0.44 -26.12 -28.26
N LEU B 383 0.63 -26.23 -27.46
CA LEU B 383 0.96 -27.46 -26.71
C LEU B 383 0.77 -27.20 -25.23
N ARG B 384 0.21 -28.18 -24.53
CA ARG B 384 -0.04 -28.17 -23.06
C ARG B 384 0.44 -29.52 -22.54
N GLN B 385 1.36 -29.49 -21.58
CA GLN B 385 1.82 -30.72 -20.89
C GLN B 385 0.98 -30.89 -19.63
N GLN B 386 0.49 -32.11 -19.39
CA GLN B 386 -0.42 -32.43 -18.26
C GLN B 386 0.42 -32.43 -17.00
N ALA B 387 -0.17 -31.98 -15.89
CA ALA B 387 0.43 -32.08 -14.54
C ALA B 387 0.84 -33.54 -14.36
N GLY B 388 1.94 -33.77 -13.66
CA GLY B 388 2.50 -35.12 -13.45
C GLY B 388 3.94 -35.03 -13.01
N VAL B 389 4.47 -36.13 -12.46
CA VAL B 389 5.84 -36.18 -11.89
C VAL B 389 6.86 -35.92 -13.00
N GLN B 390 6.51 -36.20 -14.27
CA GLN B 390 7.42 -36.07 -15.44
C GLN B 390 7.14 -34.76 -16.20
N ASN B 391 6.25 -33.93 -15.67
CA ASN B 391 6.04 -32.56 -16.19
C ASN B 391 7.34 -31.76 -16.07
N ALA B 392 7.63 -30.89 -17.04
CA ALA B 392 8.89 -30.11 -17.10
C ALA B 392 8.96 -29.16 -15.90
N LEU B 393 7.80 -28.72 -15.39
CA LEU B 393 7.71 -27.86 -14.18
C LEU B 393 7.67 -28.70 -12.90
N GLY B 394 7.74 -30.02 -13.01
CA GLY B 394 7.64 -30.94 -11.87
C GLY B 394 6.37 -30.72 -11.06
N THR B 395 6.46 -30.73 -9.74
CA THR B 395 5.27 -30.67 -8.86
C THR B 395 4.98 -29.22 -8.43
N TYR B 396 5.89 -28.27 -8.65
CA TYR B 396 5.75 -26.87 -8.14
C TYR B 396 6.27 -25.85 -9.17
N LYS B 397 5.42 -24.88 -9.49
CA LYS B 397 5.79 -23.63 -10.17
C LYS B 397 5.73 -22.50 -9.14
N PHE B 398 6.82 -21.73 -9.03
CA PHE B 398 6.95 -20.57 -8.13
C PHE B 398 6.67 -19.33 -8.97
N ASN B 399 5.47 -18.76 -8.84
CA ASN B 399 4.97 -17.70 -9.74
C ASN B 399 5.65 -16.38 -9.40
N THR B 400 6.40 -15.84 -10.36
CA THR B 400 7.12 -14.55 -10.28
C THR B 400 6.73 -13.76 -11.52
N PRO B 401 5.51 -13.17 -11.54
CA PRO B 401 5.03 -12.47 -12.73
C PRO B 401 6.06 -11.44 -13.21
N ASN B 402 6.34 -11.42 -14.52
CA ASN B 402 7.15 -10.36 -15.18
C ASN B 402 6.92 -10.46 -16.68
N SER B 403 7.27 -9.40 -17.41
CA SER B 403 7.09 -9.26 -18.88
C SER B 403 7.89 -10.33 -19.63
N ARG B 404 8.92 -10.94 -19.02
CA ARG B 404 9.84 -11.89 -19.68
C ARG B 404 9.42 -13.35 -19.43
N ALA B 405 8.40 -13.56 -18.60
CA ALA B 405 7.80 -14.89 -18.31
C ALA B 405 8.86 -15.83 -17.73
N ILE B 406 9.80 -15.26 -16.95
CA ILE B 406 10.84 -16.01 -16.20
C ILE B 406 10.27 -16.34 -14.80
N TYR B 407 10.38 -17.60 -14.38
CA TYR B 407 9.91 -18.03 -13.04
C TYR B 407 10.78 -19.20 -12.57
N LEU B 408 10.54 -19.65 -11.35
CA LEU B 408 11.26 -20.80 -10.74
C LEU B 408 10.29 -21.97 -10.79
N HIS B 409 10.80 -23.20 -10.85
CA HIS B 409 9.96 -24.42 -10.88
C HIS B 409 10.77 -25.65 -10.52
N ASP B 410 10.05 -26.71 -10.12
CA ASP B 410 10.59 -28.07 -9.89
C ASP B 410 11.02 -28.66 -11.24
N THR B 411 11.76 -29.77 -11.22
CA THR B 411 12.19 -30.47 -12.46
C THR B 411 12.25 -31.96 -12.17
N PRO B 412 11.82 -32.82 -13.12
CA PRO B 412 11.98 -34.25 -12.98
C PRO B 412 13.44 -34.70 -13.19
N SER B 413 14.20 -33.92 -13.97
CA SER B 413 15.60 -34.22 -14.35
C SER B 413 16.55 -33.79 -13.24
N LYS B 414 16.53 -34.47 -12.09
CA LYS B 414 17.38 -34.08 -10.93
C LYS B 414 18.83 -34.52 -11.15
N HIS B 415 19.11 -35.42 -12.10
CA HIS B 415 20.49 -35.89 -12.41
C HIS B 415 21.31 -34.71 -13.00
N LEU B 416 20.66 -33.71 -13.59
CA LEU B 416 21.35 -32.51 -14.14
C LEU B 416 22.06 -31.73 -13.02
N PHE B 417 21.68 -31.92 -11.75
CA PHE B 417 22.29 -31.16 -10.63
C PHE B 417 23.69 -31.73 -10.32
N ASN B 418 24.05 -32.90 -10.85
CA ASN B 418 25.42 -33.48 -10.69
C ASN B 418 26.47 -32.67 -11.45
N ASN B 419 26.11 -32.04 -12.56
CA ASN B 419 27.03 -31.22 -13.38
C ASN B 419 27.37 -29.93 -12.62
N ALA B 420 28.61 -29.43 -12.79
CA ALA B 420 29.14 -28.24 -12.08
C ALA B 420 28.72 -26.96 -12.80
N SER B 421 28.55 -27.01 -14.13
CA SER B 421 27.97 -25.94 -14.96
C SER B 421 26.54 -26.34 -15.36
N ARG B 422 25.54 -25.50 -15.06
CA ARG B 422 24.10 -25.86 -15.11
C ARG B 422 23.31 -24.81 -15.92
N ALA B 423 23.85 -24.36 -17.04
CA ALA B 423 23.16 -23.47 -18.02
C ALA B 423 22.49 -24.33 -19.09
N PHE B 424 21.29 -24.88 -18.79
CA PHE B 424 20.57 -25.87 -19.62
C PHE B 424 19.16 -25.41 -20.07
N SER B 425 18.54 -24.42 -19.44
CA SER B 425 17.08 -24.18 -19.56
C SER B 425 16.84 -23.16 -20.66
N SER B 426 15.59 -22.82 -20.92
CA SER B 426 15.20 -21.78 -21.90
C SER B 426 15.07 -20.43 -21.21
N GLY B 427 15.50 -20.32 -19.95
CA GLY B 427 15.52 -19.06 -19.19
C GLY B 427 15.08 -19.26 -17.75
N CYS B 428 14.11 -20.14 -17.53
CA CYS B 428 13.48 -20.32 -16.20
C CYS B 428 14.48 -20.98 -15.26
N ILE B 429 14.27 -20.85 -13.96
CA ILE B 429 15.23 -21.33 -12.93
C ILE B 429 14.68 -22.60 -12.30
N ARG B 430 15.36 -23.73 -12.53
CA ARG B 430 14.97 -25.05 -11.99
C ARG B 430 15.63 -25.24 -10.63
N VAL B 431 14.83 -25.60 -9.62
CA VAL B 431 15.23 -25.68 -8.19
C VAL B 431 15.40 -27.14 -7.81
N GLU B 432 16.55 -27.53 -7.26
CA GLU B 432 16.82 -28.92 -6.85
C GLU B 432 15.84 -29.31 -5.73
N ASN B 433 15.82 -28.58 -4.61
CA ASN B 433 14.96 -28.95 -3.44
C ASN B 433 13.66 -28.15 -3.53
N ALA B 434 12.92 -28.32 -4.63
CA ALA B 434 11.67 -27.58 -4.91
C ALA B 434 10.63 -27.86 -3.82
N GLU B 435 10.56 -29.12 -3.39
CA GLU B 435 9.61 -29.58 -2.36
C GLU B 435 9.87 -28.82 -1.06
N LYS B 436 11.11 -28.88 -0.55
CA LYS B 436 11.52 -28.20 0.71
C LYS B 436 11.25 -26.69 0.59
N PHE B 437 11.53 -26.11 -0.58
CA PHE B 437 11.35 -24.66 -0.86
C PHE B 437 9.87 -24.30 -0.69
N ALA B 438 8.99 -25.13 -1.23
CA ALA B 438 7.52 -24.91 -1.19
C ALA B 438 7.05 -25.01 0.27
N GLN B 439 7.54 -26.02 1.01
CA GLN B 439 7.26 -26.23 2.45
C GLN B 439 7.63 -24.98 3.26
N THR B 440 8.85 -24.46 3.07
CA THR B 440 9.39 -23.33 3.87
C THR B 440 8.62 -22.06 3.51
N LEU B 441 8.35 -21.80 2.23
CA LEU B 441 7.56 -20.62 1.79
C LEU B 441 6.23 -20.57 2.56
N LEU B 442 5.48 -21.68 2.57
CA LEU B 442 4.12 -21.73 3.17
C LEU B 442 4.23 -21.59 4.70
N ALA B 443 5.12 -22.36 5.34
CA ALA B 443 5.41 -22.30 6.80
C ALA B 443 5.65 -20.84 7.23
N ASN B 444 6.55 -20.13 6.54
CA ASN B 444 7.05 -18.80 6.94
C ASN B 444 5.98 -17.73 6.70
N GLN B 445 4.85 -18.09 6.09
CA GLN B 445 3.67 -17.18 5.97
C GLN B 445 2.50 -17.75 6.77
N GLY B 446 2.75 -18.79 7.58
CA GLY B 446 1.74 -19.54 8.34
C GLY B 446 0.54 -19.95 7.48
N ILE B 447 0.77 -20.31 6.22
CA ILE B 447 -0.25 -20.97 5.35
C ILE B 447 -0.05 -22.47 5.53
N THR B 448 -1.12 -23.23 5.78
CA THR B 448 -1.02 -24.70 5.91
C THR B 448 -2.07 -25.35 5.01
N LEU B 449 -1.74 -26.50 4.44
CA LEU B 449 -2.63 -27.29 3.54
C LEU B 449 -3.36 -28.32 4.38
N ASP B 450 -4.70 -28.29 4.36
CA ASP B 450 -5.53 -29.40 4.89
C ASP B 450 -5.16 -30.68 4.11
N ASP B 451 -5.38 -30.67 2.79
CA ASP B 451 -5.04 -31.79 1.86
C ASP B 451 -3.90 -31.36 0.92
N PHE B 452 -2.95 -32.24 0.63
CA PHE B 452 -2.07 -32.04 -0.55
C PHE B 452 -2.94 -32.25 -1.78
N PRO B 453 -3.07 -31.23 -2.67
CA PRO B 453 -4.03 -31.29 -3.76
C PRO B 453 -3.66 -32.39 -4.78
N VAL B 454 -4.67 -33.03 -5.37
CA VAL B 454 -4.47 -34.08 -6.41
C VAL B 454 -4.40 -33.43 -7.78
N SER B 455 -4.91 -32.21 -7.91
CA SER B 455 -5.03 -31.43 -9.15
C SER B 455 -4.18 -30.14 -9.09
N THR B 456 -4.13 -29.42 -10.20
CA THR B 456 -3.47 -28.11 -10.32
C THR B 456 -4.13 -27.17 -9.32
N GLN B 457 -3.39 -26.65 -8.33
CA GLN B 457 -3.89 -25.69 -7.30
C GLN B 457 -2.89 -24.56 -7.11
N ALA B 458 -3.37 -23.33 -7.34
CA ALA B 458 -2.68 -22.06 -7.03
C ALA B 458 -2.87 -21.71 -5.55
N ILE B 459 -1.76 -21.49 -4.81
CA ILE B 459 -1.74 -20.98 -3.41
C ILE B 459 -1.16 -19.56 -3.42
N ALA B 460 -1.99 -18.56 -3.17
CA ALA B 460 -1.58 -17.14 -3.06
C ALA B 460 -0.81 -16.98 -1.74
N LEU B 461 0.34 -16.29 -1.77
CA LEU B 461 1.13 -15.95 -0.56
C LEU B 461 0.42 -14.77 0.11
N LYS B 462 0.50 -14.69 1.44
CA LYS B 462 -0.02 -13.50 2.19
C LYS B 462 0.74 -12.26 1.69
N LYS B 463 2.08 -12.28 1.74
CA LYS B 463 2.91 -11.14 1.30
C LYS B 463 3.96 -11.59 0.28
N ARG B 464 4.09 -10.81 -0.79
CA ARG B 464 5.05 -11.04 -1.90
C ARG B 464 6.48 -11.04 -1.38
N ILE B 465 7.34 -11.85 -1.98
CA ILE B 465 8.78 -11.96 -1.62
C ILE B 465 9.62 -11.42 -2.77
N PRO B 466 10.51 -10.43 -2.53
CA PRO B 466 11.36 -9.92 -3.59
C PRO B 466 12.29 -11.04 -4.08
N VAL B 467 12.45 -11.15 -5.39
CA VAL B 467 13.34 -12.15 -6.06
C VAL B 467 14.40 -11.37 -6.83
N HIS B 468 15.68 -11.52 -6.44
CA HIS B 468 16.83 -10.88 -7.13
C HIS B 468 17.62 -11.93 -7.90
N ILE B 469 17.66 -11.79 -9.23
CA ILE B 469 18.49 -12.65 -10.10
C ILE B 469 19.74 -11.86 -10.49
N ILE B 470 20.89 -12.27 -9.93
CA ILE B 470 22.19 -11.55 -10.01
C ILE B 470 23.18 -12.37 -10.85
N TYR B 471 24.24 -11.72 -11.32
CA TYR B 471 25.37 -12.34 -12.05
C TYR B 471 26.64 -11.83 -11.39
N GLN B 472 27.14 -12.61 -10.44
CA GLN B 472 28.37 -12.31 -9.67
C GLN B 472 29.33 -13.50 -9.78
N THR B 473 30.42 -13.34 -10.54
CA THR B 473 31.46 -14.38 -10.80
C THR B 473 32.54 -14.35 -9.72
N VAL B 474 32.42 -13.49 -8.70
CA VAL B 474 33.33 -13.45 -7.51
C VAL B 474 32.54 -12.91 -6.32
N TRP B 475 32.70 -13.52 -5.13
CA TRP B 475 31.96 -13.07 -3.92
C TRP B 475 32.68 -13.55 -2.65
N TYR B 476 32.24 -13.05 -1.49
CA TYR B 476 32.80 -13.38 -0.16
C TYR B 476 31.85 -14.35 0.55
N GLU B 477 32.38 -15.49 1.00
CA GLU B 477 31.68 -16.56 1.75
C GLU B 477 32.73 -17.24 2.66
N GLU B 478 32.35 -17.58 3.89
CA GLU B 478 33.29 -18.00 4.97
C GLU B 478 34.38 -16.93 5.07
N GLY B 479 35.66 -17.29 4.98
CA GLY B 479 36.79 -16.36 5.20
C GLY B 479 37.43 -15.91 3.91
N VAL B 480 37.00 -16.44 2.76
CA VAL B 480 37.74 -16.29 1.47
C VAL B 480 36.78 -15.90 0.34
N LEU B 481 37.37 -15.47 -0.76
CA LEU B 481 36.67 -15.17 -2.03
C LEU B 481 36.43 -16.46 -2.81
N HIS B 482 35.23 -16.63 -3.36
CA HIS B 482 34.88 -17.67 -4.36
C HIS B 482 34.92 -17.08 -5.77
N TYR B 483 35.22 -17.91 -6.76
CA TYR B 483 35.26 -17.55 -8.20
C TYR B 483 34.46 -18.59 -8.99
N ARG B 484 33.85 -18.17 -10.10
CA ARG B 484 33.12 -19.09 -11.01
C ARG B 484 33.37 -18.69 -12.46
N ASP B 485 33.27 -19.63 -13.39
CA ASP B 485 33.43 -19.35 -14.84
C ASP B 485 32.38 -18.33 -15.29
N ASP B 486 32.80 -17.46 -16.21
CA ASP B 486 31.99 -16.42 -16.87
C ASP B 486 31.05 -17.11 -17.88
N ILE B 487 30.01 -17.77 -17.38
CA ILE B 487 29.10 -18.63 -18.19
C ILE B 487 28.45 -17.83 -19.31
N TYR B 488 28.07 -16.56 -19.10
CA TYR B 488 27.36 -15.77 -20.14
C TYR B 488 28.30 -14.77 -20.82
N HIS B 489 29.59 -14.79 -20.50
CA HIS B 489 30.63 -13.97 -21.19
C HIS B 489 30.38 -12.48 -20.92
N TYR B 490 29.80 -12.15 -19.77
CA TYR B 490 29.51 -10.75 -19.36
C TYR B 490 30.76 -10.10 -18.76
N ASP B 491 31.66 -10.86 -18.13
CA ASP B 491 32.92 -10.28 -17.60
C ASP B 491 34.08 -10.54 -18.58
N ALA B 492 33.78 -10.66 -19.87
CA ALA B 492 34.76 -10.83 -20.99
C ALA B 492 35.57 -9.54 -21.19
N LEU B 493 34.97 -8.37 -21.00
CA LEU B 493 35.59 -7.04 -21.26
C LEU B 493 36.77 -6.82 -20.30
N ALA B 494 36.68 -7.33 -19.07
CA ALA B 494 37.61 -7.02 -17.96
C ALA B 494 38.92 -7.83 -18.05
N LEU B 495 39.11 -8.71 -19.07
CA LEU B 495 40.39 -9.47 -19.28
C LEU B 495 41.06 -9.01 -20.58
C1 EDO C . -37.27 -6.06 21.02
O1 EDO C . -35.98 -6.08 21.59
C2 EDO C . -38.36 -5.86 22.02
O2 EDO C . -38.54 -4.51 22.44
C1 EDO D . 39.59 -31.08 -11.31
O1 EDO D . 38.72 -32.18 -11.42
C2 EDO D . 40.82 -31.21 -12.16
O2 EDO D . 40.66 -31.00 -13.56
#